data_5UCI
#
_entry.id   5UCI
#
_cell.length_a   129.273
_cell.length_b   129.273
_cell.length_c   107.327
_cell.angle_alpha   90.00
_cell.angle_beta   90.00
_cell.angle_gamma   120.00
#
_symmetry.space_group_name_H-M   'P 65'
#
loop_
_entity.id
_entity.type
_entity.pdbx_description
1 polymer 'Heat shock protein HSP 90-beta'
2 non-polymer (2,4-Dihydroxy-3-(hydroxymethyl)-5-isopropylphenyl)(isoindolin-2-yl)methanone
3 non-polymer 'DIMETHYL SULFOXIDE'
4 non-polymer GLYCEROL
5 water water
#
_entity_poly.entity_id   1
_entity_poly.type   'polypeptide(L)'
_entity_poly.pdbx_seq_one_letter_code
;GHMPEEVHHGEEEVETFAFQAEIAQLMSLIINTFYSNKEIFLRELISNASDALDKIRYESLTDPSKLDSGKELKIDIIPN
PQERTLTLVDTGIGMTKADLINNLGTIAKSGTKAFMEALQAGADISMIGQFGVGFYSAYLVAEKVVVITKHNDDEQYAWE
SSAGGSFTVRADHGEPIGRGTKVILHLKEDQTEYLEERRVKEVVKKHSQFIGYPITLYLE
;
_entity_poly.pdbx_strand_id   A,B,C,D
#
loop_
_chem_comp.id
_chem_comp.type
_chem_comp.name
_chem_comp.formula
874 non-polymer (2,4-Dihydroxy-3-(hydroxymethyl)-5-isopropylphenyl)(isoindolin-2-yl)methanone 'C19 H21 N O4'
DMS non-polymer 'DIMETHYL SULFOXIDE' 'C2 H6 O S'
GOL non-polymer GLYCEROL 'C3 H8 O3'
#
# COMPACT_ATOMS: atom_id res chain seq x y z
N GLY A 1 -10.35 -25.10 29.35
CA GLY A 1 -11.61 -25.04 28.61
C GLY A 1 -12.69 -24.16 29.23
N HIS A 2 -12.35 -23.55 30.36
CA HIS A 2 -13.28 -22.72 31.13
C HIS A 2 -13.46 -21.35 30.44
N MET A 3 -14.18 -20.44 31.10
CA MET A 3 -14.42 -19.09 30.57
C MET A 3 -14.42 -18.04 31.67
N PRO A 4 -13.24 -17.67 32.17
CA PRO A 4 -13.15 -16.59 33.17
C PRO A 4 -13.59 -15.24 32.59
N GLU A 5 -13.62 -14.25 33.48
CA GLU A 5 -14.33 -13.01 33.20
C GLU A 5 -13.74 -11.96 34.14
N GLU A 6 -12.76 -11.21 33.64
CA GLU A 6 -12.02 -10.32 34.50
C GLU A 6 -12.84 -9.06 34.74
N VAL A 7 -13.40 -8.95 35.95
CA VAL A 7 -14.34 -7.89 36.27
C VAL A 7 -13.66 -6.63 36.79
N HIS A 8 -12.33 -6.62 36.88
CA HIS A 8 -11.64 -5.47 37.44
C HIS A 8 -10.17 -5.55 37.08
N HIS A 9 -9.62 -4.41 36.65
CA HIS A 9 -8.23 -4.30 36.26
C HIS A 9 -7.44 -3.56 37.34
N GLY A 10 -6.12 -3.69 37.25
CA GLY A 10 -5.20 -3.02 38.18
C GLY A 10 -5.47 -1.53 38.34
N GLU A 11 -5.25 -0.76 37.28
CA GLU A 11 -5.62 0.64 37.26
C GLU A 11 -6.49 0.88 36.03
N GLU A 12 -7.22 2.00 36.05
CA GLU A 12 -7.90 2.47 34.86
C GLU A 12 -6.87 2.82 33.80
N GLU A 13 -7.01 2.22 32.62
CA GLU A 13 -5.97 2.32 31.60
C GLU A 13 -6.08 3.59 30.75
N VAL A 14 -7.26 4.20 30.68
CA VAL A 14 -7.47 5.36 29.81
C VAL A 14 -8.25 6.40 30.60
N GLU A 15 -7.60 7.53 30.89
CA GLU A 15 -8.18 8.60 31.68
C GLU A 15 -8.54 9.75 30.74
N THR A 16 -9.73 10.29 30.89
CA THR A 16 -10.22 11.41 30.09
C THR A 16 -10.44 12.64 30.97
N PHE A 17 -9.94 13.81 30.51
CA PHE A 17 -10.07 15.05 31.27
C PHE A 17 -10.50 16.16 30.36
N ALA A 18 -11.09 17.21 30.96
CA ALA A 18 -11.45 18.42 30.26
C ALA A 18 -10.33 19.43 30.43
N PHE A 19 -10.01 20.14 29.35
CA PHE A 19 -9.13 21.29 29.49
C PHE A 19 -9.81 22.34 30.35
N GLN A 20 -8.99 23.12 31.08
CA GLN A 20 -9.45 24.39 31.60
C GLN A 20 -10.10 25.15 30.46
N ALA A 21 -11.22 25.82 30.76
CA ALA A 21 -12.00 26.48 29.73
C ALA A 21 -11.13 27.37 28.84
N GLU A 22 -10.22 28.13 29.44
CA GLU A 22 -9.40 29.05 28.64
C GLU A 22 -8.57 28.29 27.62
N ILE A 23 -8.05 27.13 27.99
CA ILE A 23 -7.30 26.34 27.02
C ILE A 23 -8.22 25.86 25.91
N ALA A 24 -9.45 25.48 26.26
CA ALA A 24 -10.40 25.03 25.24
C ALA A 24 -10.79 26.18 24.31
N GLN A 25 -10.95 27.39 24.86
CA GLN A 25 -11.29 28.56 24.04
C GLN A 25 -10.19 28.82 23.03
N LEU A 26 -8.94 28.80 23.49
CA LEU A 26 -7.86 29.03 22.55
C LEU A 26 -7.79 27.90 21.52
N MET A 27 -7.99 26.66 21.95
CA MET A 27 -7.93 25.57 20.99
C MET A 27 -9.02 25.66 19.97
N SER A 28 -10.23 25.99 20.40
CA SER A 28 -11.29 26.19 19.43
C SER A 28 -10.95 27.35 18.53
N LEU A 29 -10.36 28.40 19.09
CA LEU A 29 -9.96 29.54 18.30
C LEU A 29 -8.94 29.14 17.23
N ILE A 30 -7.92 28.37 17.62
CA ILE A 30 -6.84 28.03 16.71
C ILE A 30 -7.34 27.13 15.58
N ILE A 31 -8.11 26.10 15.92
CA ILE A 31 -8.45 25.10 14.91
C ILE A 31 -9.44 25.62 13.88
N ASN A 32 -10.10 26.75 14.14
CA ASN A 32 -11.15 27.28 13.28
C ASN A 32 -10.78 28.55 12.54
N THR A 33 -9.83 29.34 13.04
CA THR A 33 -9.64 30.63 12.39
C THR A 33 -8.67 30.49 11.25
N PHE A 34 -8.61 31.52 10.45
CA PHE A 34 -7.66 31.59 9.36
C PHE A 34 -6.40 32.28 9.85
N TYR A 35 -5.26 31.76 9.38
CA TYR A 35 -3.98 32.40 9.58
C TYR A 35 -3.17 32.25 8.31
N SER A 36 -2.56 33.34 7.86
CA SER A 36 -1.89 33.33 6.57
C SER A 36 -0.60 32.52 6.60
N ASN A 37 0.06 32.45 7.77
CA ASN A 37 1.35 31.77 7.89
C ASN A 37 1.30 30.54 8.79
N LYS A 38 0.54 29.50 8.43
CA LYS A 38 0.40 28.41 9.37
C LYS A 38 1.68 27.61 9.58
N GLU A 39 2.69 27.78 8.72
CA GLU A 39 3.95 27.06 8.86
C GLU A 39 4.58 27.23 10.24
N ILE A 40 4.21 28.27 11.00
CA ILE A 40 4.86 28.54 12.27
C ILE A 40 4.68 27.42 13.28
N PHE A 41 3.71 26.53 13.08
CA PHE A 41 3.53 25.43 14.03
C PHE A 41 4.82 24.68 14.22
N LEU A 42 5.55 24.44 13.13
CA LEU A 42 6.76 23.66 13.23
C LEU A 42 7.81 24.41 14.02
N ARG A 43 7.86 25.74 13.87
CA ARG A 43 8.77 26.53 14.69
C ARG A 43 8.45 26.33 16.18
N GLU A 44 7.16 26.27 16.54
CA GLU A 44 6.83 26.16 17.96
C GLU A 44 7.25 24.80 18.51
N LEU A 45 7.04 23.73 17.75
CA LEU A 45 7.47 22.40 18.14
C LEU A 45 8.99 22.30 18.21
N ILE A 46 9.68 22.84 17.22
CA ILE A 46 11.13 22.80 17.24
C ILE A 46 11.64 23.60 18.44
N SER A 47 10.99 24.72 18.72
CA SER A 47 11.37 25.53 19.87
C SER A 47 11.19 24.75 21.17
N ASN A 48 10.10 24.00 21.30
CA ASN A 48 9.91 23.23 22.53
C ASN A 48 10.99 22.16 22.67
N ALA A 49 11.32 21.47 21.57
CA ALA A 49 12.32 20.42 21.59
C ALA A 49 13.70 20.97 21.99
N SER A 50 14.08 22.12 21.43
CA SER A 50 15.34 22.73 21.83
C SER A 50 15.40 22.90 23.34
N ASP A 51 14.29 23.33 23.95
CA ASP A 51 14.23 23.54 25.39
C ASP A 51 14.33 22.23 26.15
N ALA A 52 13.59 21.21 25.69
CA ALA A 52 13.69 19.89 26.30
C ALA A 52 15.09 19.32 26.14
N LEU A 53 15.69 19.51 24.97
CA LEU A 53 17.07 19.08 24.77
C LEU A 53 18.03 19.86 25.66
N ASP A 54 17.83 21.18 25.77
CA ASP A 54 18.66 21.98 26.68
C ASP A 54 18.57 21.44 28.10
N LYS A 55 17.36 21.08 28.53
CA LYS A 55 17.18 20.75 29.94
C LYS A 55 17.84 19.42 30.28
N ILE A 56 17.71 18.42 29.40
CA ILE A 56 18.41 17.18 29.68
C ILE A 56 19.93 17.39 29.60
N ARG A 57 20.40 18.27 28.70
CA ARG A 57 21.84 18.49 28.62
C ARG A 57 22.38 19.24 29.84
N TYR A 58 21.61 20.17 30.41
CA TYR A 58 22.09 20.82 31.62
C TYR A 58 22.28 19.79 32.73
N GLU A 59 21.29 18.93 32.91
CA GLU A 59 21.37 17.85 33.90
C GLU A 59 22.40 16.81 33.52
N SER A 60 22.85 16.81 32.26
CA SER A 60 23.83 15.84 31.78
C SER A 60 25.22 16.09 32.36
N LEU A 61 25.53 17.34 32.70
CA LEU A 61 26.86 17.66 33.19
C LEU A 61 27.01 17.37 34.69
N THR A 62 25.94 17.62 35.45
CA THR A 62 25.94 17.29 36.87
C THR A 62 25.77 15.79 37.12
N ASP A 63 25.03 15.09 36.25
CA ASP A 63 24.81 13.65 36.39
C ASP A 63 24.96 13.02 35.00
N PRO A 64 26.09 12.39 34.70
CA PRO A 64 26.26 11.79 33.38
C PRO A 64 25.40 10.55 33.16
N SER A 65 24.83 9.95 34.19
CA SER A 65 23.99 8.76 34.01
C SER A 65 22.61 9.08 33.47
N LYS A 66 22.21 10.36 33.45
CA LYS A 66 20.87 10.71 32.97
C LYS A 66 20.73 10.53 31.46
N LEU A 67 21.81 10.21 30.76
CA LEU A 67 21.75 9.86 29.35
C LEU A 67 21.72 8.35 29.15
N ASP A 68 21.32 7.61 30.20
CA ASP A 68 21.10 6.16 30.10
C ASP A 68 20.26 5.80 28.89
N SER A 69 19.28 6.64 28.57
CA SER A 69 18.28 6.35 27.56
C SER A 69 18.76 6.70 26.15
N GLY A 70 19.76 7.57 26.04
CA GLY A 70 20.36 7.88 24.75
C GLY A 70 21.30 9.04 24.87
N LYS A 71 22.49 8.94 24.29
CA LYS A 71 23.45 10.03 24.41
C LYS A 71 23.30 11.05 23.29
N GLU A 72 22.57 10.73 22.22
CA GLU A 72 22.43 11.63 21.10
C GLU A 72 21.27 12.58 21.36
N LEU A 73 21.53 13.89 21.26
CA LEU A 73 20.51 14.92 21.42
C LEU A 73 20.09 15.43 20.05
N LYS A 74 18.92 15.02 19.58
CA LYS A 74 18.58 15.30 18.20
C LYS A 74 17.08 15.50 18.06
N ILE A 75 16.69 16.02 16.89
CA ILE A 75 15.30 16.17 16.49
C ILE A 75 15.12 15.47 15.16
N ASP A 76 14.08 14.64 15.05
CA ASP A 76 13.74 13.94 13.81
C ASP A 76 12.34 14.34 13.35
N ILE A 77 12.16 14.53 12.04
CA ILE A 77 10.88 14.95 11.46
C ILE A 77 10.46 13.93 10.42
N ILE A 78 9.28 13.35 10.61
CA ILE A 78 8.88 12.25 9.75
C ILE A 78 7.50 12.53 9.17
N PRO A 79 7.40 12.98 7.92
CA PRO A 79 6.10 13.03 7.27
C PRO A 79 5.71 11.63 6.83
N ASN A 80 4.42 11.35 6.87
CA ASN A 80 3.90 10.05 6.48
C ASN A 80 2.72 10.28 5.56
N PRO A 81 2.96 10.35 4.25
CA PRO A 81 1.87 10.69 3.33
C PRO A 81 0.69 9.73 3.38
N GLN A 82 0.94 8.42 3.50
CA GLN A 82 -0.14 7.44 3.44
C GLN A 82 -0.89 7.31 4.77
N GLU A 83 -0.49 8.02 5.83
CA GLU A 83 -1.28 8.11 7.05
C GLU A 83 -1.70 9.54 7.36
N ARG A 84 -1.27 10.50 6.56
CA ARG A 84 -1.56 11.92 6.79
C ARG A 84 -1.10 12.39 8.17
N THR A 85 0.07 11.91 8.59
CA THR A 85 0.69 12.33 9.84
C THR A 85 2.04 12.95 9.59
N LEU A 86 2.37 13.94 10.41
CA LEU A 86 3.72 14.46 10.53
C LEU A 86 4.10 14.28 11.98
N THR A 87 5.27 13.71 12.23
CA THR A 87 5.71 13.45 13.59
C THR A 87 7.07 14.11 13.79
N LEU A 88 7.25 14.70 14.98
CA LEU A 88 8.52 15.26 15.42
C LEU A 88 8.92 14.48 16.66
N VAL A 89 10.11 13.92 16.66
CA VAL A 89 10.63 13.19 17.81
C VAL A 89 11.81 13.98 18.34
N ASP A 90 11.87 14.16 19.64
CA ASP A 90 13.08 14.69 20.25
C ASP A 90 13.54 13.75 21.36
N THR A 91 14.85 13.77 21.60
CA THR A 91 15.43 13.05 22.72
C THR A 91 15.73 13.98 23.88
N GLY A 92 14.89 14.99 24.10
CA GLY A 92 15.07 15.87 25.22
C GLY A 92 14.70 15.19 26.52
N ILE A 93 14.45 15.97 27.57
CA ILE A 93 14.23 15.38 28.89
C ILE A 93 12.89 14.68 29.00
N GLY A 94 11.96 14.93 28.08
CA GLY A 94 10.66 14.29 28.20
C GLY A 94 9.83 14.84 29.36
N MET A 95 8.72 14.16 29.62
CA MET A 95 7.76 14.58 30.62
C MET A 95 7.23 13.41 31.44
N THR A 96 7.11 13.62 32.75
CA THR A 96 6.43 12.64 33.58
C THR A 96 4.93 12.71 33.31
N LYS A 97 4.20 11.72 33.83
CA LYS A 97 2.75 11.73 33.69
C LYS A 97 2.15 12.96 34.36
N ALA A 98 2.60 13.25 35.58
CA ALA A 98 2.11 14.41 36.31
C ALA A 98 2.31 15.69 35.51
N ASP A 99 3.50 15.86 34.94
CA ASP A 99 3.78 17.03 34.10
C ASP A 99 2.91 17.01 32.84
N LEU A 100 2.75 15.84 32.22
CA LEU A 100 2.03 15.78 30.96
C LEU A 100 0.59 16.25 31.13
N ILE A 101 -0.14 15.70 32.13
CA ILE A 101 -1.52 16.12 32.41
C ILE A 101 -1.57 17.57 32.84
N ASN A 102 -0.66 17.94 33.73
CA ASN A 102 -0.69 19.28 34.29
C ASN A 102 -0.39 20.30 33.21
N ASN A 103 0.72 20.14 32.50
CA ASN A 103 1.20 21.16 31.57
C ASN A 103 0.24 21.35 30.41
N LEU A 104 -0.28 20.27 29.86
CA LEU A 104 -1.10 20.41 28.68
C LEU A 104 -2.56 20.66 29.04
N GLY A 105 -3.02 20.20 30.19
CA GLY A 105 -4.43 20.33 30.45
C GLY A 105 -4.82 21.45 31.40
N THR A 106 -3.87 21.94 32.21
CA THR A 106 -4.24 22.75 33.35
C THR A 106 -3.43 24.04 33.44
N ILE A 107 -2.13 23.95 33.72
CA ILE A 107 -1.38 25.17 34.03
C ILE A 107 -1.10 26.03 32.82
N ALA A 108 -1.36 25.53 31.61
CA ALA A 108 -1.36 26.38 30.43
C ALA A 108 -2.45 27.46 30.51
N LYS A 109 -3.32 27.40 31.53
CA LYS A 109 -4.42 28.35 31.64
C LYS A 109 -3.95 29.80 31.56
N SER A 110 -2.92 30.18 32.34
CA SER A 110 -2.50 31.57 32.37
C SER A 110 -2.04 32.06 31.00
N GLY A 111 -1.18 31.29 30.35
CA GLY A 111 -0.68 31.72 29.07
C GLY A 111 -1.79 31.84 28.04
N THR A 112 -2.65 30.83 27.98
CA THR A 112 -3.75 30.87 27.02
C THR A 112 -4.65 32.06 27.29
N LYS A 113 -4.93 32.32 28.56
CA LYS A 113 -5.76 33.47 28.92
C LYS A 113 -5.10 34.78 28.52
N ALA A 114 -3.83 34.97 28.88
CA ALA A 114 -3.16 36.22 28.54
C ALA A 114 -3.05 36.39 27.04
N PHE A 115 -2.84 35.28 26.33
CA PHE A 115 -2.70 35.33 24.88
C PHE A 115 -4.02 35.72 24.20
N MET A 116 -5.15 35.16 24.65
CA MET A 116 -6.41 35.58 24.08
C MET A 116 -6.68 37.05 24.34
N GLU A 117 -6.40 37.53 25.55
CA GLU A 117 -6.52 38.96 25.80
C GLU A 117 -5.60 39.73 24.87
N ALA A 118 -4.40 39.22 24.64
CA ALA A 118 -3.48 39.90 23.74
C ALA A 118 -4.06 39.91 22.33
N LEU A 119 -4.61 38.78 21.89
CA LEU A 119 -5.17 38.70 20.54
C LEU A 119 -6.23 39.76 20.31
N GLN A 120 -7.15 39.95 21.27
CA GLN A 120 -8.19 40.94 21.04
C GLN A 120 -7.62 42.35 21.02
N ALA A 121 -6.48 42.59 21.67
CA ALA A 121 -5.88 43.91 21.63
C ALA A 121 -4.92 44.09 20.45
N GLY A 122 -4.95 43.17 19.48
CA GLY A 122 -4.22 43.32 18.23
C GLY A 122 -3.01 42.43 18.01
N ALA A 123 -2.68 41.54 18.93
CA ALA A 123 -1.62 40.58 18.62
C ALA A 123 -2.08 39.61 17.53
N ASP A 124 -1.13 38.89 16.94
CA ASP A 124 -1.42 37.85 15.96
C ASP A 124 -0.90 36.50 16.45
N ILE A 125 -1.35 35.43 15.79
CA ILE A 125 -1.05 34.06 16.19
C ILE A 125 0.45 33.77 16.30
N SER A 126 1.28 34.44 15.50
CA SER A 126 2.69 34.09 15.57
C SER A 126 3.38 34.50 16.88
N MET A 127 2.72 35.27 17.75
CA MET A 127 3.29 35.61 19.04
C MET A 127 3.02 34.54 20.10
N ILE A 128 2.39 33.44 19.72
CA ILE A 128 1.91 32.49 20.71
C ILE A 128 3.03 31.97 21.61
N GLY A 129 4.23 31.79 21.05
CA GLY A 129 5.33 31.28 21.85
C GLY A 129 5.79 32.25 22.93
N GLN A 130 5.63 33.55 22.74
CA GLN A 130 5.98 34.43 23.83
C GLN A 130 4.96 34.39 24.96
N PHE A 131 3.93 33.56 24.85
CA PHE A 131 3.05 33.31 25.98
C PHE A 131 3.22 31.90 26.54
N GLY A 132 4.23 31.17 26.06
CA GLY A 132 4.56 29.87 26.58
C GLY A 132 3.63 28.75 26.19
N VAL A 133 2.76 28.96 25.20
CA VAL A 133 1.75 27.96 24.87
C VAL A 133 1.82 27.67 23.37
N GLY A 134 3.01 27.74 22.78
CA GLY A 134 3.12 27.50 21.36
C GLY A 134 2.62 26.14 20.93
N PHE A 135 2.61 25.17 21.85
CA PHE A 135 2.22 23.81 21.49
C PHE A 135 0.87 23.78 20.79
N TYR A 136 -0.06 24.63 21.22
CA TYR A 136 -1.42 24.53 20.68
C TYR A 136 -1.53 25.03 19.26
N SER A 137 -0.49 25.68 18.72
CA SER A 137 -0.51 26.04 17.32
C SER A 137 -0.46 24.81 16.42
N ALA A 138 -0.18 23.62 16.96
CA ALA A 138 -0.30 22.41 16.16
C ALA A 138 -1.65 22.32 15.49
N TYR A 139 -2.70 22.80 16.18
CA TYR A 139 -4.04 22.71 15.61
C TYR A 139 -4.29 23.66 14.46
N LEU A 140 -3.35 24.55 14.11
CA LEU A 140 -3.48 25.25 12.83
C LEU A 140 -3.52 24.27 11.66
N VAL A 141 -2.75 23.18 11.75
CA VAL A 141 -2.64 22.22 10.65
C VAL A 141 -3.19 20.82 10.97
N ALA A 142 -3.41 20.49 12.23
CA ALA A 142 -3.81 19.15 12.61
C ALA A 142 -5.27 19.10 13.06
N GLU A 143 -5.98 18.07 12.63
CA GLU A 143 -7.30 17.80 13.22
C GLU A 143 -7.20 17.02 14.52
N LYS A 144 -6.06 16.35 14.77
CA LYS A 144 -5.83 15.57 15.97
C LYS A 144 -4.33 15.55 16.27
N VAL A 145 -3.99 15.66 17.55
CA VAL A 145 -2.61 15.65 17.99
C VAL A 145 -2.40 14.58 19.06
N VAL A 146 -1.33 13.82 18.92
CA VAL A 146 -0.91 12.80 19.87
C VAL A 146 0.48 13.16 20.39
N VAL A 147 0.69 13.07 21.70
CA VAL A 147 1.98 13.35 22.35
C VAL A 147 2.40 12.11 23.13
N ILE A 148 3.51 11.47 22.72
CA ILE A 148 4.12 10.38 23.47
C ILE A 148 5.37 10.87 24.17
N THR A 149 5.50 10.56 25.45
CA THR A 149 6.59 11.13 26.20
C THR A 149 7.15 10.10 27.16
N LYS A 150 8.44 10.25 27.47
CA LYS A 150 9.15 9.32 28.33
C LYS A 150 10.22 10.10 29.08
N HIS A 151 10.03 10.22 30.39
CA HIS A 151 10.96 10.88 31.28
C HIS A 151 11.70 9.82 32.09
N ASN A 152 12.94 10.15 32.49
CA ASN A 152 13.77 9.17 33.18
C ASN A 152 13.12 8.66 34.45
N ASP A 153 12.29 9.47 35.09
CA ASP A 153 11.71 9.13 36.38
C ASP A 153 10.32 8.48 36.26
N ASP A 154 9.90 8.12 35.05
CA ASP A 154 8.55 7.62 34.90
C ASP A 154 8.50 6.65 33.72
N GLU A 155 7.32 6.07 33.49
CA GLU A 155 7.06 5.24 32.32
C GLU A 155 6.65 6.09 31.12
N GLN A 156 6.44 5.42 29.99
CA GLN A 156 6.03 6.11 28.75
C GLN A 156 4.53 6.34 28.76
N TYR A 157 4.11 7.54 28.36
CA TYR A 157 2.70 7.88 28.34
C TYR A 157 2.31 8.51 27.01
N ALA A 158 1.03 8.38 26.69
CA ALA A 158 0.47 8.89 25.46
C ALA A 158 -0.68 9.84 25.80
N TRP A 159 -0.69 11.01 25.16
CA TRP A 159 -1.70 12.04 25.34
C TRP A 159 -2.35 12.30 23.97
N GLU A 160 -3.64 12.61 23.96
CA GLU A 160 -4.30 12.78 22.69
C GLU A 160 -5.42 13.81 22.82
N SER A 161 -5.63 14.61 21.78
CA SER A 161 -6.81 15.45 21.79
C SER A 161 -7.17 15.89 20.37
N SER A 162 -8.47 15.87 20.08
CA SER A 162 -9.03 16.39 18.84
C SER A 162 -9.67 17.75 19.03
N ALA A 163 -9.32 18.47 20.09
CA ALA A 163 -9.81 19.83 20.35
C ALA A 163 -11.32 19.87 20.59
N GLY A 164 -11.90 18.81 21.16
CA GLY A 164 -13.31 18.87 21.46
C GLY A 164 -13.64 19.31 22.86
N GLY A 165 -12.67 19.89 23.57
CA GLY A 165 -12.81 20.24 24.97
C GLY A 165 -12.16 19.28 25.95
N SER A 166 -11.65 18.14 25.49
CA SER A 166 -11.08 17.17 26.41
C SER A 166 -9.87 16.51 25.78
N PHE A 167 -9.08 15.82 26.61
CA PHE A 167 -7.94 15.03 26.16
C PHE A 167 -7.92 13.73 26.94
N THR A 168 -7.19 12.75 26.42
CA THR A 168 -7.02 11.48 27.10
C THR A 168 -5.55 11.25 27.35
N VAL A 169 -5.26 10.50 28.42
CA VAL A 169 -3.91 10.05 28.73
C VAL A 169 -3.96 8.57 29.00
N ARG A 170 -2.98 7.86 28.49
CA ARG A 170 -2.91 6.44 28.73
C ARG A 170 -1.44 6.05 28.77
N ALA A 171 -1.15 4.97 29.48
CA ALA A 171 0.19 4.41 29.45
C ALA A 171 0.43 3.80 28.07
N ASP A 172 1.51 4.21 27.42
CA ASP A 172 1.84 3.75 26.06
C ASP A 172 2.83 2.60 26.17
N HIS A 173 2.37 1.40 25.86
CA HIS A 173 3.24 0.26 25.68
C HIS A 173 3.69 0.09 24.24
N GLY A 174 3.46 1.08 23.39
CA GLY A 174 3.94 1.03 22.02
C GLY A 174 5.46 1.09 21.94
N GLU A 175 5.99 1.52 20.80
CA GLU A 175 7.43 1.52 20.61
C GLU A 175 8.11 2.39 21.66
N PRO A 176 9.06 1.84 22.42
CA PRO A 176 9.74 2.65 23.44
C PRO A 176 10.64 3.70 22.79
N ILE A 177 10.54 4.94 23.24
CA ILE A 177 11.38 6.01 22.71
C ILE A 177 11.99 5.78 24.09
N GLY A 178 13.30 5.91 24.23
CA GLY A 178 13.97 5.70 25.50
C GLY A 178 13.94 6.93 26.39
N ARG A 179 13.80 8.11 25.79
CA ARG A 179 13.69 9.34 26.54
C ARG A 179 13.29 10.43 25.56
N GLY A 180 12.45 11.36 26.04
CA GLY A 180 12.07 12.48 25.21
C GLY A 180 10.59 12.46 24.89
N THR A 181 10.25 13.06 23.76
CA THR A 181 8.88 13.33 23.42
C THR A 181 8.70 13.14 21.91
N LYS A 182 7.56 12.57 21.54
CA LYS A 182 7.16 12.37 20.15
C LYS A 182 5.80 13.03 19.96
N VAL A 183 5.71 13.99 19.04
CA VAL A 183 4.44 14.63 18.72
C VAL A 183 3.98 14.15 17.36
N ILE A 184 2.73 13.73 17.25
CA ILE A 184 2.20 13.18 16.00
C ILE A 184 1.03 14.05 15.60
N LEU A 185 1.16 14.76 14.47
CA LEU A 185 0.08 15.58 13.94
C LEU A 185 -0.69 14.81 12.87
N HIS A 186 -1.97 14.62 13.11
CA HIS A 186 -2.91 14.12 12.11
C HIS A 186 -3.43 15.32 11.35
N LEU A 187 -2.95 15.51 10.11
CA LEU A 187 -3.17 16.77 9.41
C LEU A 187 -4.57 16.85 8.82
N LYS A 188 -5.09 18.08 8.79
CA LYS A 188 -6.35 18.36 8.10
C LYS A 188 -6.19 18.12 6.60
N GLU A 189 -7.34 17.95 5.94
CA GLU A 189 -7.31 17.61 4.51
C GLU A 189 -6.58 18.67 3.70
N ASP A 190 -6.72 19.94 4.07
CA ASP A 190 -6.13 21.01 3.29
C ASP A 190 -4.69 21.34 3.68
N GLN A 191 -4.12 20.69 4.69
CA GLN A 191 -2.75 21.02 5.10
C GLN A 191 -1.73 19.97 4.70
N THR A 192 -2.00 19.19 3.65
CA THR A 192 -1.11 18.10 3.28
C THR A 192 0.18 18.57 2.64
N GLU A 193 0.34 19.88 2.43
CA GLU A 193 1.61 20.38 1.95
C GLU A 193 2.74 20.01 2.92
N TYR A 194 2.45 19.92 4.21
CA TYR A 194 3.50 19.59 5.18
C TYR A 194 3.85 18.10 5.20
N LEU A 195 3.36 17.33 4.23
CA LEU A 195 3.81 15.97 4.00
C LEU A 195 4.81 15.86 2.85
N GLU A 196 5.17 16.97 2.22
CA GLU A 196 6.03 16.99 1.05
C GLU A 196 7.46 17.38 1.45
N GLU A 197 8.41 16.98 0.61
CA GLU A 197 9.84 17.10 0.92
C GLU A 197 10.28 18.55 0.97
N ARG A 198 10.17 19.22 -0.18
CA ARG A 198 10.64 20.59 -0.33
C ARG A 198 10.04 21.49 0.75
N ARG A 199 8.72 21.44 0.90
CA ARG A 199 8.05 22.38 1.79
C ARG A 199 8.61 22.26 3.21
N VAL A 200 8.84 21.03 3.68
CA VAL A 200 9.33 20.88 5.05
C VAL A 200 10.76 21.40 5.19
N LYS A 201 11.62 21.14 4.20
CA LYS A 201 12.93 21.77 4.24
C LYS A 201 12.78 23.29 4.29
N GLU A 202 11.89 23.81 3.46
CA GLU A 202 11.66 25.24 3.37
C GLU A 202 11.28 25.83 4.73
N VAL A 203 10.43 25.13 5.48
CA VAL A 203 9.93 25.66 6.74
C VAL A 203 11.03 25.62 7.81
N VAL A 204 11.81 24.53 7.85
CA VAL A 204 12.89 24.45 8.83
C VAL A 204 13.96 25.49 8.53
N LYS A 205 14.36 25.62 7.26
CA LYS A 205 15.37 26.62 6.93
C LYS A 205 14.87 28.03 7.20
N LYS A 206 13.57 28.27 7.05
CA LYS A 206 13.03 29.61 7.26
C LYS A 206 12.93 29.97 8.74
N HIS A 207 12.61 29.00 9.61
CA HIS A 207 12.24 29.31 10.98
C HIS A 207 13.19 28.81 12.06
N SER A 208 13.92 27.73 11.83
CA SER A 208 14.73 27.12 12.87
C SER A 208 16.17 27.03 12.45
N GLN A 209 16.65 28.01 11.69
CA GLN A 209 17.98 27.91 11.10
C GLN A 209 19.09 27.98 12.16
N PHE A 210 18.79 28.37 13.40
CA PHE A 210 19.88 28.51 14.36
C PHE A 210 19.66 27.69 15.61
N ILE A 211 19.01 26.53 15.47
CA ILE A 211 18.90 25.59 16.56
C ILE A 211 20.24 24.90 16.80
N GLY A 212 20.58 24.70 18.07
CA GLY A 212 21.85 24.10 18.42
C GLY A 212 21.81 22.57 18.49
N TYR A 213 20.91 21.96 17.73
CA TYR A 213 20.77 20.51 17.70
C TYR A 213 20.43 20.07 16.29
N PRO A 214 20.89 18.89 15.87
CA PRO A 214 20.61 18.44 14.49
C PRO A 214 19.15 18.08 14.26
N ILE A 215 18.64 18.47 13.10
CA ILE A 215 17.28 18.17 12.65
C ILE A 215 17.37 17.29 11.41
N THR A 216 16.76 16.10 11.46
CA THR A 216 16.89 15.13 10.39
C THR A 216 15.51 14.84 9.79
N LEU A 217 15.42 14.84 8.46
CA LEU A 217 14.17 14.63 7.76
C LEU A 217 14.13 13.21 7.17
N TYR A 218 13.05 12.47 7.41
CA TYR A 218 12.94 11.07 7.03
C TYR A 218 11.81 10.89 6.04
N LEU A 219 12.13 10.42 4.84
CA LEU A 219 11.05 10.13 3.89
C LEU A 219 11.09 8.73 3.29
N GLU B 12 12.36 -1.07 3.78
CA GLU B 12 10.91 -1.11 3.54
C GLU B 12 10.11 -1.22 4.84
N GLU B 13 9.47 -0.11 5.22
CA GLU B 13 8.68 -0.09 6.45
C GLU B 13 7.29 -0.67 6.25
N VAL B 14 6.56 -0.18 5.26
CA VAL B 14 5.17 -0.54 5.01
C VAL B 14 5.02 -0.90 3.55
N GLU B 15 4.56 -2.12 3.27
CA GLU B 15 4.22 -2.50 1.91
C GLU B 15 2.71 -2.73 1.79
N THR B 16 2.16 -2.33 0.66
CA THR B 16 0.78 -2.57 0.28
C THR B 16 0.73 -3.71 -0.73
N PHE B 17 -0.20 -4.65 -0.55
CA PHE B 17 -0.34 -5.75 -1.49
C PHE B 17 -1.80 -5.88 -1.86
N ALA B 18 -2.07 -6.50 -3.00
CA ALA B 18 -3.43 -6.83 -3.40
C ALA B 18 -3.75 -8.27 -3.06
N PHE B 19 -4.98 -8.51 -2.60
CA PHE B 19 -5.53 -9.86 -2.49
C PHE B 19 -5.64 -10.50 -3.86
N GLN B 20 -5.53 -11.83 -3.91
CA GLN B 20 -6.06 -12.55 -5.06
C GLN B 20 -7.52 -12.17 -5.29
N ALA B 21 -7.92 -12.03 -6.55
CA ALA B 21 -9.26 -11.52 -6.88
C ALA B 21 -10.35 -12.27 -6.15
N GLU B 22 -10.27 -13.60 -6.13
CA GLU B 22 -11.30 -14.43 -5.50
C GLU B 22 -11.43 -14.09 -4.02
N ILE B 23 -10.30 -13.83 -3.36
CA ILE B 23 -10.37 -13.40 -1.96
C ILE B 23 -11.07 -12.05 -1.86
N ALA B 24 -10.77 -11.14 -2.79
CA ALA B 24 -11.40 -9.83 -2.79
C ALA B 24 -12.89 -9.94 -3.08
N GLN B 25 -13.28 -10.86 -3.95
CA GLN B 25 -14.70 -11.03 -4.24
C GLN B 25 -15.45 -11.44 -2.99
N LEU B 26 -14.90 -12.38 -2.23
CA LEU B 26 -15.58 -12.84 -1.02
C LEU B 26 -15.65 -11.74 0.03
N MET B 27 -14.57 -10.94 0.15
CA MET B 27 -14.59 -9.84 1.09
C MET B 27 -15.65 -8.82 0.70
N SER B 28 -15.75 -8.52 -0.60
CA SER B 28 -16.77 -7.59 -1.05
C SER B 28 -18.18 -8.13 -0.74
N LEU B 29 -18.37 -9.43 -0.94
CA LEU B 29 -19.66 -10.05 -0.63
C LEU B 29 -19.96 -9.98 0.86
N ILE B 30 -19.00 -10.36 1.71
CA ILE B 30 -19.25 -10.44 3.15
C ILE B 30 -19.52 -9.07 3.74
N ILE B 31 -18.75 -8.06 3.33
CA ILE B 31 -18.87 -6.76 3.97
C ILE B 31 -20.17 -6.06 3.57
N ASN B 32 -20.85 -6.54 2.54
CA ASN B 32 -22.06 -5.92 2.07
C ASN B 32 -23.31 -6.77 2.27
N THR B 33 -23.18 -8.01 2.76
CA THR B 33 -24.33 -8.88 2.91
C THR B 33 -25.19 -8.46 4.09
N PHE B 34 -26.50 -8.63 3.94
CA PHE B 34 -27.45 -8.37 5.01
C PHE B 34 -27.72 -9.60 5.84
N TYR B 35 -26.84 -10.59 5.75
CA TYR B 35 -26.95 -11.82 6.53
C TYR B 35 -27.22 -11.50 8.00
N SER B 36 -28.34 -12.02 8.52
CA SER B 36 -28.79 -11.59 9.84
C SER B 36 -27.96 -12.20 10.97
N ASN B 37 -27.40 -13.37 10.73
CA ASN B 37 -26.76 -14.17 11.78
C ASN B 37 -25.25 -13.94 11.82
N LYS B 38 -24.84 -12.67 11.94
CA LYS B 38 -23.42 -12.37 11.83
C LYS B 38 -22.62 -12.69 13.09
N GLU B 39 -23.25 -13.00 14.22
CA GLU B 39 -22.48 -13.28 15.43
C GLU B 39 -21.42 -14.37 15.23
N ILE B 40 -21.55 -15.20 14.19
CA ILE B 40 -20.63 -16.30 13.94
C ILE B 40 -19.20 -15.86 13.69
N PHE B 41 -18.95 -14.57 13.38
CA PHE B 41 -17.58 -14.10 13.20
C PHE B 41 -16.70 -14.53 14.37
N LEU B 42 -17.25 -14.45 15.59
CA LEU B 42 -16.49 -14.77 16.78
C LEU B 42 -16.13 -16.25 16.84
N ARG B 43 -17.05 -17.13 16.43
CA ARG B 43 -16.73 -18.56 16.41
C ARG B 43 -15.54 -18.84 15.50
N GLU B 44 -15.48 -18.17 14.35
CA GLU B 44 -14.42 -18.43 13.40
C GLU B 44 -13.07 -17.96 13.92
N LEU B 45 -13.07 -16.80 14.61
CA LEU B 45 -11.84 -16.31 15.23
C LEU B 45 -11.38 -17.26 16.33
N ILE B 46 -12.32 -17.71 17.18
CA ILE B 46 -11.96 -18.66 18.22
C ILE B 46 -11.50 -19.96 17.61
N SER B 47 -12.11 -20.37 16.50
CA SER B 47 -11.68 -21.61 15.85
C SER B 47 -10.26 -21.48 15.34
N ASN B 48 -9.92 -20.34 14.75
CA ASN B 48 -8.54 -20.10 14.35
C ASN B 48 -7.64 -20.07 15.56
N ALA B 49 -8.10 -19.43 16.64
CA ALA B 49 -7.28 -19.34 17.85
C ALA B 49 -7.00 -20.73 18.41
N SER B 50 -8.05 -21.55 18.55
CA SER B 50 -7.89 -22.90 19.07
C SER B 50 -6.86 -23.68 18.25
N ASP B 51 -6.90 -23.54 16.92
CA ASP B 51 -5.97 -24.27 16.08
C ASP B 51 -4.52 -23.81 16.29
N ALA B 52 -4.30 -22.48 16.35
CA ALA B 52 -2.95 -21.98 16.57
C ALA B 52 -2.41 -22.45 17.92
N LEU B 53 -3.27 -22.45 18.93
CA LEU B 53 -2.89 -22.94 20.23
C LEU B 53 -2.54 -24.42 20.17
N ASP B 54 -3.34 -25.21 19.45
CA ASP B 54 -2.98 -26.61 19.30
C ASP B 54 -1.57 -26.76 18.74
N LYS B 55 -1.22 -25.95 17.74
CA LYS B 55 0.04 -26.22 17.04
C LYS B 55 1.23 -25.87 17.93
N ILE B 56 1.14 -24.75 18.67
CA ILE B 56 2.23 -24.47 19.61
C ILE B 56 2.23 -25.51 20.72
N ARG B 57 1.05 -26.01 21.13
CA ARG B 57 1.02 -26.99 22.22
C ARG B 57 1.71 -28.28 21.81
N TYR B 58 1.48 -28.74 20.58
CA TYR B 58 2.12 -29.99 20.17
C TYR B 58 3.62 -29.80 19.99
N GLU B 59 4.03 -28.75 19.27
CA GLU B 59 5.46 -28.56 19.05
C GLU B 59 6.22 -28.38 20.35
N SER B 60 5.53 -28.00 21.45
CA SER B 60 6.18 -27.83 22.74
C SER B 60 6.50 -29.16 23.41
N LEU B 61 5.80 -30.23 23.04
CA LEU B 61 6.04 -31.52 23.68
C LEU B 61 7.37 -32.09 23.21
N THR B 62 7.75 -31.80 21.97
CA THR B 62 9.08 -32.13 21.48
C THR B 62 10.14 -31.18 22.02
N ASP B 63 9.79 -29.90 22.19
CA ASP B 63 10.73 -28.84 22.58
C ASP B 63 10.10 -27.92 23.62
N PRO B 64 10.43 -28.08 24.90
CA PRO B 64 9.89 -27.14 25.90
C PRO B 64 10.43 -25.72 25.76
N SER B 65 11.48 -25.51 24.96
CA SER B 65 11.99 -24.15 24.74
C SER B 65 11.09 -23.34 23.82
N LYS B 66 10.12 -23.96 23.15
CA LYS B 66 9.22 -23.21 22.28
C LYS B 66 8.26 -22.36 23.10
N LEU B 67 8.15 -22.63 24.40
CA LEU B 67 7.31 -21.86 25.31
C LEU B 67 8.11 -20.85 26.13
N ASP B 68 9.42 -20.71 25.89
CA ASP B 68 10.16 -19.59 26.44
C ASP B 68 9.44 -18.27 26.15
N SER B 69 8.80 -18.17 24.98
CA SER B 69 8.00 -17.01 24.62
C SER B 69 6.77 -16.83 25.49
N GLY B 70 6.31 -17.88 26.16
CA GLY B 70 5.20 -17.79 27.11
C GLY B 70 4.61 -19.15 27.45
N LYS B 71 4.30 -19.47 28.70
CA LYS B 71 3.81 -20.81 28.95
C LYS B 71 2.29 -20.95 28.89
N GLU B 72 1.52 -19.87 29.05
CA GLU B 72 0.07 -20.00 29.14
C GLU B 72 -0.55 -19.99 27.75
N LEU B 73 -1.36 -21.00 27.46
CA LEU B 73 -2.07 -21.12 26.20
C LEU B 73 -3.51 -20.68 26.44
N LYS B 74 -3.84 -19.47 25.98
CA LYS B 74 -5.10 -18.86 26.36
C LYS B 74 -5.61 -17.98 25.23
N ILE B 75 -6.87 -17.56 25.38
CA ILE B 75 -7.55 -16.65 24.48
C ILE B 75 -8.15 -15.53 25.34
N ASP B 76 -7.90 -14.28 24.94
CA ASP B 76 -8.49 -13.12 25.63
C ASP B 76 -9.35 -12.34 24.65
N ILE B 77 -10.50 -11.87 25.12
CA ILE B 77 -11.43 -11.09 24.30
C ILE B 77 -11.67 -9.75 24.99
N ILE B 78 -11.34 -8.66 24.31
CA ILE B 78 -11.40 -7.34 24.93
C ILE B 78 -12.27 -6.38 24.13
N PRO B 79 -13.49 -6.09 24.58
CA PRO B 79 -14.26 -5.01 23.97
C PRO B 79 -13.80 -3.65 24.49
N ASN B 80 -13.82 -2.68 23.58
CA ASN B 80 -13.41 -1.31 23.90
C ASN B 80 -14.47 -0.38 23.33
N PRO B 81 -15.49 -0.05 24.13
CA PRO B 81 -16.56 0.84 23.64
C PRO B 81 -16.07 2.20 23.18
N GLN B 82 -15.05 2.76 23.85
CA GLN B 82 -14.61 4.10 23.51
C GLN B 82 -13.91 4.13 22.15
N GLU B 83 -13.39 2.99 21.70
CA GLU B 83 -12.69 2.92 20.44
C GLU B 83 -13.48 2.16 19.37
N ARG B 84 -14.68 1.66 19.69
CA ARG B 84 -15.45 0.77 18.80
C ARG B 84 -14.58 -0.39 18.32
N THR B 85 -13.77 -0.92 19.23
CA THR B 85 -12.87 -2.02 18.93
C THR B 85 -13.26 -3.26 19.73
N LEU B 86 -13.21 -4.41 19.07
CA LEU B 86 -13.28 -5.70 19.74
C LEU B 86 -11.99 -6.42 19.41
N THR B 87 -11.28 -6.93 20.41
CA THR B 87 -9.97 -7.51 20.22
C THR B 87 -9.96 -8.94 20.75
N LEU B 88 -9.41 -9.86 19.98
CA LEU B 88 -9.24 -11.23 20.42
C LEU B 88 -7.75 -11.54 20.35
N VAL B 89 -7.17 -11.96 21.46
CA VAL B 89 -5.74 -12.28 21.53
C VAL B 89 -5.59 -13.74 21.89
N ASP B 90 -4.72 -14.45 21.19
CA ASP B 90 -4.36 -15.80 21.61
C ASP B 90 -2.85 -15.95 21.71
N THR B 91 -2.42 -16.84 22.58
CA THR B 91 -1.02 -17.20 22.76
C THR B 91 -0.67 -18.46 22.00
N GLY B 92 -1.24 -18.61 20.81
CA GLY B 92 -0.95 -19.72 19.91
C GLY B 92 0.41 -19.60 19.26
N ILE B 93 0.61 -20.35 18.17
CA ILE B 93 1.93 -20.41 17.56
C ILE B 93 2.28 -19.16 16.78
N GLY B 94 1.30 -18.31 16.45
CA GLY B 94 1.58 -17.09 15.69
C GLY B 94 1.93 -17.39 14.23
N MET B 95 2.33 -16.33 13.53
CA MET B 95 2.62 -16.40 12.10
C MET B 95 3.86 -15.59 11.76
N THR B 96 4.72 -16.17 10.92
CA THR B 96 5.84 -15.44 10.36
C THR B 96 5.32 -14.48 9.31
N LYS B 97 6.20 -13.59 8.87
CA LYS B 97 5.82 -12.61 7.87
C LYS B 97 5.35 -13.28 6.58
N ALA B 98 6.13 -14.23 6.08
CA ALA B 98 5.78 -14.92 4.84
C ALA B 98 4.46 -15.64 4.95
N ASP B 99 4.26 -16.40 6.03
CA ASP B 99 2.98 -17.07 6.21
C ASP B 99 1.85 -16.06 6.37
N LEU B 100 2.12 -14.97 7.08
CA LEU B 100 1.09 -13.95 7.27
C LEU B 100 0.64 -13.39 5.93
N ILE B 101 1.60 -13.01 5.07
CA ILE B 101 1.25 -12.51 3.75
C ILE B 101 0.58 -13.59 2.90
N ASN B 102 1.12 -14.81 2.95
CA ASN B 102 0.58 -15.88 2.10
C ASN B 102 -0.85 -16.24 2.51
N ASN B 103 -1.06 -16.49 3.81
CA ASN B 103 -2.35 -17.02 4.26
C ASN B 103 -3.46 -16.01 4.05
N LEU B 104 -3.21 -14.75 4.34
CA LEU B 104 -4.28 -13.78 4.24
C LEU B 104 -4.45 -13.20 2.85
N GLY B 105 -3.38 -13.14 2.06
CA GLY B 105 -3.46 -12.47 0.78
C GLY B 105 -3.51 -13.38 -0.43
N THR B 106 -3.13 -14.64 -0.29
CA THR B 106 -2.79 -15.45 -1.44
C THR B 106 -3.39 -16.85 -1.41
N ILE B 107 -2.90 -17.72 -0.52
CA ILE B 107 -3.30 -19.12 -0.61
C ILE B 107 -4.72 -19.35 -0.13
N ALA B 108 -5.36 -18.36 0.48
CA ALA B 108 -6.80 -18.43 0.74
C ALA B 108 -7.63 -18.46 -0.54
N LYS B 109 -7.01 -18.29 -1.70
CA LYS B 109 -7.77 -18.24 -2.95
C LYS B 109 -8.63 -19.50 -3.14
N SER B 110 -8.05 -20.69 -2.97
CA SER B 110 -8.81 -21.89 -3.29
C SER B 110 -10.07 -22.00 -2.45
N GLY B 111 -9.95 -21.78 -1.14
CA GLY B 111 -11.12 -21.87 -0.30
C GLY B 111 -12.17 -20.82 -0.63
N THR B 112 -11.74 -19.55 -0.77
CA THR B 112 -12.70 -18.50 -1.07
C THR B 112 -13.42 -18.78 -2.37
N LYS B 113 -12.68 -19.22 -3.39
CA LYS B 113 -13.29 -19.53 -4.68
C LYS B 113 -14.29 -20.68 -4.53
N ALA B 114 -13.92 -21.72 -3.78
CA ALA B 114 -14.85 -22.82 -3.56
C ALA B 114 -16.04 -22.35 -2.75
N PHE B 115 -15.82 -21.42 -1.82
CA PHE B 115 -16.90 -20.95 -0.97
C PHE B 115 -17.94 -20.16 -1.79
N MET B 116 -17.49 -19.27 -2.65
CA MET B 116 -18.42 -18.51 -3.48
C MET B 116 -19.21 -19.42 -4.41
N GLU B 117 -18.55 -20.43 -4.98
CA GLU B 117 -19.28 -21.43 -5.77
C GLU B 117 -20.30 -22.15 -4.91
N ALA B 118 -19.93 -22.48 -3.67
CA ALA B 118 -20.86 -23.16 -2.78
C ALA B 118 -22.09 -22.31 -2.49
N LEU B 119 -21.86 -21.03 -2.17
CA LEU B 119 -22.98 -20.12 -1.91
C LEU B 119 -23.90 -20.01 -3.12
N GLN B 120 -23.31 -19.90 -4.31
CA GLN B 120 -24.11 -19.78 -5.52
C GLN B 120 -24.99 -21.00 -5.74
N ALA B 121 -24.64 -22.12 -5.12
CA ALA B 121 -25.44 -23.33 -5.18
C ALA B 121 -26.29 -23.53 -3.92
N GLY B 122 -26.44 -22.49 -3.10
CA GLY B 122 -27.38 -22.53 -1.99
C GLY B 122 -26.76 -22.69 -0.61
N ALA B 123 -25.44 -22.72 -0.50
CA ALA B 123 -24.80 -22.77 0.80
C ALA B 123 -25.16 -21.53 1.63
N ASP B 124 -24.81 -21.59 2.90
CA ASP B 124 -25.06 -20.51 3.83
C ASP B 124 -23.75 -19.89 4.31
N ILE B 125 -23.83 -18.63 4.74
CA ILE B 125 -22.64 -17.89 5.15
C ILE B 125 -21.95 -18.57 6.32
N SER B 126 -22.73 -19.22 7.19
CA SER B 126 -22.19 -19.86 8.37
C SER B 126 -21.33 -21.06 8.06
N MET B 127 -21.30 -21.53 6.82
CA MET B 127 -20.43 -22.64 6.44
C MET B 127 -19.01 -22.23 6.11
N ILE B 128 -18.67 -20.94 6.26
CA ILE B 128 -17.41 -20.42 5.72
C ILE B 128 -16.20 -21.19 6.26
N GLY B 129 -16.25 -21.61 7.54
CA GLY B 129 -15.11 -22.29 8.14
C GLY B 129 -14.80 -23.65 7.54
N GLN B 130 -15.79 -24.32 6.96
CA GLN B 130 -15.52 -25.59 6.30
C GLN B 130 -14.72 -25.41 5.03
N PHE B 131 -14.41 -24.17 4.63
CA PHE B 131 -13.52 -23.92 3.51
C PHE B 131 -12.21 -23.30 3.95
N GLY B 132 -11.96 -23.23 5.25
CA GLY B 132 -10.70 -22.73 5.74
C GLY B 132 -10.52 -21.24 5.62
N VAL B 133 -11.61 -20.49 5.40
CA VAL B 133 -11.47 -19.05 5.22
C VAL B 133 -12.41 -18.32 6.17
N GLY B 134 -12.67 -18.94 7.33
CA GLY B 134 -13.58 -18.33 8.28
C GLY B 134 -13.13 -16.95 8.73
N PHE B 135 -11.83 -16.70 8.68
CA PHE B 135 -11.31 -15.40 9.11
C PHE B 135 -12.02 -14.23 8.44
N TYR B 136 -12.37 -14.36 7.16
CA TYR B 136 -12.92 -13.21 6.44
C TYR B 136 -14.34 -12.86 6.88
N SER B 137 -15.01 -13.71 7.66
CA SER B 137 -16.31 -13.35 8.23
C SER B 137 -16.19 -12.25 9.27
N ALA B 138 -14.97 -11.87 9.66
CA ALA B 138 -14.80 -10.71 10.54
C ALA B 138 -15.47 -9.48 9.96
N TYR B 139 -15.40 -9.31 8.63
CA TYR B 139 -15.99 -8.15 7.98
C TYR B 139 -17.52 -8.15 7.99
N LEU B 140 -18.16 -9.17 8.56
CA LEU B 140 -19.60 -9.07 8.82
C LEU B 140 -19.88 -7.91 9.75
N VAL B 141 -19.02 -7.73 10.75
CA VAL B 141 -19.24 -6.72 11.79
C VAL B 141 -18.16 -5.65 11.81
N ALA B 142 -17.02 -5.86 11.17
CA ALA B 142 -15.92 -4.93 11.23
C ALA B 142 -15.79 -4.23 9.89
N GLU B 143 -15.53 -2.92 9.93
CA GLU B 143 -15.21 -2.19 8.71
C GLU B 143 -13.73 -2.27 8.38
N LYS B 144 -12.89 -2.57 9.38
CA LYS B 144 -11.44 -2.63 9.22
C LYS B 144 -10.91 -3.62 10.25
N VAL B 145 -10.00 -4.48 9.82
CA VAL B 145 -9.41 -5.51 10.67
C VAL B 145 -7.90 -5.32 10.69
N VAL B 146 -7.33 -5.40 11.88
CA VAL B 146 -5.89 -5.37 12.07
C VAL B 146 -5.50 -6.69 12.71
N VAL B 147 -4.45 -7.31 12.19
CA VAL B 147 -3.94 -8.58 12.70
C VAL B 147 -2.49 -8.35 13.08
N ILE B 148 -2.18 -8.47 14.37
CA ILE B 148 -0.81 -8.41 14.85
C ILE B 148 -0.36 -9.82 15.20
N THR B 149 0.83 -10.21 14.76
CA THR B 149 1.24 -11.59 14.99
C THR B 149 2.74 -11.68 15.29
N LYS B 150 3.11 -12.71 16.07
CA LYS B 150 4.49 -12.94 16.52
C LYS B 150 4.74 -14.44 16.63
N HIS B 151 5.62 -14.93 15.78
CA HIS B 151 6.03 -16.32 15.74
C HIS B 151 7.42 -16.42 16.33
N ASN B 152 7.74 -17.57 16.93
CA ASN B 152 9.04 -17.72 17.58
C ASN B 152 10.20 -17.51 16.61
N ASP B 153 10.02 -17.88 15.34
CA ASP B 153 11.13 -17.86 14.41
C ASP B 153 11.21 -16.56 13.63
N ASP B 154 10.46 -15.54 14.03
CA ASP B 154 10.41 -14.27 13.31
C ASP B 154 10.08 -13.17 14.30
N GLU B 155 9.94 -11.95 13.78
CA GLU B 155 9.59 -10.80 14.59
C GLU B 155 8.12 -10.45 14.43
N GLN B 156 7.70 -9.38 15.09
CA GLN B 156 6.30 -9.03 15.19
C GLN B 156 5.91 -8.15 14.00
N TYR B 157 4.79 -8.47 13.36
CA TYR B 157 4.32 -7.77 12.18
C TYR B 157 2.86 -7.39 12.35
N ALA B 158 2.45 -6.34 11.63
CA ALA B 158 1.09 -5.82 11.67
C ALA B 158 0.48 -5.85 10.27
N TRP B 159 -0.72 -6.37 10.19
CA TRP B 159 -1.47 -6.53 8.95
C TRP B 159 -2.80 -5.79 9.08
N GLU B 160 -3.19 -5.05 8.03
CA GLU B 160 -4.38 -4.23 8.08
C GLU B 160 -5.14 -4.38 6.76
N SER B 161 -6.47 -4.42 6.82
CA SER B 161 -7.21 -4.21 5.59
C SER B 161 -8.59 -3.64 5.89
N SER B 162 -9.01 -2.70 5.04
CA SER B 162 -10.37 -2.18 5.04
C SER B 162 -11.21 -2.76 3.91
N ALA B 163 -10.81 -3.91 3.38
CA ALA B 163 -11.56 -4.62 2.36
C ALA B 163 -11.68 -3.82 1.07
N GLY B 164 -10.65 -3.03 0.74
CA GLY B 164 -10.68 -2.30 -0.50
C GLY B 164 -10.01 -3.00 -1.67
N GLY B 165 -9.71 -4.29 -1.53
CA GLY B 165 -8.94 -5.03 -2.50
C GLY B 165 -7.47 -5.17 -2.16
N SER B 166 -7.04 -4.55 -1.08
CA SER B 166 -5.63 -4.49 -0.73
C SER B 166 -5.47 -4.60 0.78
N PHE B 167 -4.26 -4.95 1.21
CA PHE B 167 -3.91 -4.98 2.62
C PHE B 167 -2.50 -4.43 2.76
N THR B 168 -2.14 -4.06 3.99
CA THR B 168 -0.77 -3.62 4.26
C THR B 168 -0.13 -4.51 5.30
N VAL B 169 1.19 -4.61 5.22
CA VAL B 169 2.00 -5.33 6.19
C VAL B 169 3.11 -4.40 6.64
N ARG B 170 3.41 -4.40 7.94
CA ARG B 170 4.51 -3.61 8.44
C ARG B 170 5.09 -4.28 9.66
N ALA B 171 6.37 -4.02 9.93
CA ALA B 171 6.95 -4.47 11.17
C ALA B 171 6.30 -3.69 12.31
N ASP B 172 5.78 -4.40 13.30
CA ASP B 172 5.10 -3.79 14.44
C ASP B 172 6.10 -3.67 15.57
N HIS B 173 6.53 -2.44 15.85
CA HIS B 173 7.37 -2.22 17.02
C HIS B 173 6.53 -1.84 18.24
N GLY B 174 5.20 -1.92 18.12
CA GLY B 174 4.27 -1.62 19.18
C GLY B 174 4.34 -2.56 20.36
N GLU B 175 3.27 -2.66 21.11
CA GLU B 175 3.28 -3.49 22.31
C GLU B 175 3.63 -4.94 21.95
N PRO B 176 4.71 -5.49 22.49
CA PRO B 176 5.11 -6.86 22.17
C PRO B 176 4.18 -7.90 22.81
N ILE B 177 3.72 -8.85 22.00
CA ILE B 177 2.87 -9.94 22.49
C ILE B 177 3.65 -11.19 22.84
N GLY B 178 4.92 -11.28 22.48
CA GLY B 178 5.72 -12.44 22.84
C GLY B 178 5.58 -13.61 21.88
N ARG B 179 4.37 -14.12 21.77
CA ARG B 179 4.04 -15.16 20.81
C ARG B 179 2.53 -15.17 20.63
N GLY B 180 2.10 -15.49 19.42
CA GLY B 180 0.67 -15.60 19.16
C GLY B 180 0.17 -14.59 18.15
N THR B 181 -1.13 -14.28 18.23
CA THR B 181 -1.81 -13.46 17.23
C THR B 181 -2.84 -12.60 17.94
N LYS B 182 -2.98 -11.35 17.51
CA LYS B 182 -3.99 -10.46 18.06
C LYS B 182 -4.82 -9.92 16.91
N VAL B 183 -6.14 -10.11 16.97
CA VAL B 183 -7.05 -9.61 15.95
C VAL B 183 -7.83 -8.44 16.53
N ILE B 184 -7.85 -7.32 15.82
CA ILE B 184 -8.52 -6.10 16.28
C ILE B 184 -9.58 -5.78 15.25
N LEU B 185 -10.84 -5.84 15.65
CA LEU B 185 -11.94 -5.51 14.75
C LEU B 185 -12.40 -4.07 15.05
N HIS B 186 -12.30 -3.22 14.04
CA HIS B 186 -12.91 -1.90 14.09
C HIS B 186 -14.33 -2.04 13.57
N LEU B 187 -15.31 -1.98 14.47
CA LEU B 187 -16.68 -2.38 14.17
C LEU B 187 -17.43 -1.31 13.37
N LYS B 188 -18.37 -1.76 12.54
CA LYS B 188 -19.32 -0.89 11.87
C LYS B 188 -20.23 -0.20 12.88
N GLU B 189 -20.86 0.91 12.46
CA GLU B 189 -21.69 1.64 13.42
C GLU B 189 -22.87 0.80 13.92
N ASP B 190 -23.42 -0.08 13.07
CA ASP B 190 -24.61 -0.84 13.43
C ASP B 190 -24.30 -2.12 14.20
N GLN B 191 -23.03 -2.48 14.37
CA GLN B 191 -22.66 -3.72 15.04
C GLN B 191 -22.05 -3.48 16.41
N THR B 192 -22.40 -2.37 17.06
CA THR B 192 -21.77 -2.07 18.34
C THR B 192 -22.26 -2.96 19.46
N GLU B 193 -23.28 -3.80 19.23
CA GLU B 193 -23.70 -4.73 20.27
C GLU B 193 -22.57 -5.62 20.73
N TYR B 194 -21.62 -5.96 19.84
CA TYR B 194 -20.50 -6.83 20.18
C TYR B 194 -19.42 -6.11 20.98
N LEU B 195 -19.71 -4.89 21.45
CA LEU B 195 -18.92 -4.23 22.48
C LEU B 195 -19.55 -4.37 23.85
N GLU B 196 -20.88 -4.56 23.90
CA GLU B 196 -21.55 -4.89 25.15
C GLU B 196 -21.12 -6.30 25.56
N GLU B 197 -20.57 -6.42 26.75
CA GLU B 197 -19.88 -7.65 27.10
C GLU B 197 -20.82 -8.75 27.57
N ARG B 198 -22.05 -8.41 27.98
CA ARG B 198 -23.07 -9.43 28.16
C ARG B 198 -23.35 -10.15 26.85
N ARG B 199 -23.46 -9.40 25.75
CA ARG B 199 -23.70 -9.99 24.43
C ARG B 199 -22.61 -10.96 24.03
N VAL B 200 -21.35 -10.63 24.33
CA VAL B 200 -20.24 -11.49 23.92
C VAL B 200 -20.24 -12.82 24.67
N LYS B 201 -20.55 -12.81 25.98
CA LYS B 201 -20.69 -14.09 26.69
C LYS B 201 -21.72 -14.95 26.01
N GLU B 202 -22.86 -14.35 25.67
CA GLU B 202 -23.92 -15.08 25.01
C GLU B 202 -23.41 -15.71 23.71
N VAL B 203 -22.56 -15.00 22.97
CA VAL B 203 -22.07 -15.54 21.71
C VAL B 203 -21.04 -16.64 21.95
N VAL B 204 -20.13 -16.43 22.91
CA VAL B 204 -19.14 -17.45 23.19
C VAL B 204 -19.81 -18.74 23.68
N LYS B 205 -20.72 -18.61 24.66
CA LYS B 205 -21.39 -19.79 25.19
C LYS B 205 -22.19 -20.51 24.12
N LYS B 206 -22.71 -19.75 23.16
CA LYS B 206 -23.51 -20.37 22.11
C LYS B 206 -22.63 -21.11 21.10
N HIS B 207 -21.43 -20.62 20.83
CA HIS B 207 -20.69 -21.18 19.69
C HIS B 207 -19.40 -21.87 20.04
N SER B 208 -18.74 -21.50 21.14
CA SER B 208 -17.42 -22.00 21.43
C SER B 208 -17.33 -22.65 22.81
N GLN B 209 -18.40 -23.29 23.23
CA GLN B 209 -18.46 -23.79 24.59
C GLN B 209 -17.52 -24.96 24.82
N PHE B 210 -16.96 -25.55 23.76
CA PHE B 210 -16.13 -26.74 23.97
C PHE B 210 -14.74 -26.58 23.38
N ILE B 211 -14.25 -25.35 23.39
CA ILE B 211 -12.87 -25.07 23.06
C ILE B 211 -11.99 -25.49 24.23
N GLY B 212 -10.85 -26.09 23.93
CA GLY B 212 -10.01 -26.62 24.98
C GLY B 212 -9.03 -25.67 25.64
N TYR B 213 -9.34 -24.37 25.67
CA TYR B 213 -8.42 -23.41 26.27
C TYR B 213 -9.22 -22.32 26.96
N PRO B 214 -8.67 -21.70 28.01
CA PRO B 214 -9.45 -20.69 28.74
C PRO B 214 -9.67 -19.44 27.90
N ILE B 215 -10.90 -18.96 27.93
CA ILE B 215 -11.31 -17.75 27.24
C ILE B 215 -11.73 -16.74 28.29
N THR B 216 -11.05 -15.60 28.34
CA THR B 216 -11.31 -14.59 29.36
C THR B 216 -11.82 -13.34 28.68
N LEU B 217 -12.82 -12.73 29.31
CA LEU B 217 -13.50 -11.55 28.82
C LEU B 217 -13.16 -10.37 29.72
N TYR B 218 -12.69 -9.28 29.13
CA TYR B 218 -12.18 -8.13 29.86
C TYR B 218 -13.17 -6.98 29.80
N LEU B 219 -13.82 -6.67 30.94
CA LEU B 219 -14.75 -5.53 31.07
C LEU B 219 -15.81 -5.47 29.99
N HIS C 2 -14.21 -55.18 -8.58
CA HIS C 2 -14.98 -53.98 -8.32
C HIS C 2 -14.34 -52.73 -8.94
N MET C 3 -15.10 -51.63 -9.04
CA MET C 3 -14.67 -50.44 -9.79
C MET C 3 -14.90 -49.15 -8.99
N PRO C 4 -14.18 -48.97 -7.82
CA PRO C 4 -14.40 -47.78 -6.97
C PRO C 4 -14.06 -46.45 -7.63
N GLU C 5 -14.13 -45.36 -6.87
CA GLU C 5 -13.92 -44.03 -7.41
C GLU C 5 -13.43 -43.10 -6.31
N GLU C 6 -12.28 -42.50 -6.53
CA GLU C 6 -11.67 -41.59 -5.56
C GLU C 6 -12.16 -40.18 -5.85
N VAL C 7 -12.97 -39.63 -4.95
CA VAL C 7 -13.71 -38.39 -5.17
C VAL C 7 -12.96 -37.16 -4.67
N HIS C 8 -12.12 -37.33 -3.67
CA HIS C 8 -11.49 -36.21 -2.98
C HIS C 8 -10.06 -36.63 -2.61
N HIS C 9 -9.08 -36.15 -3.38
CA HIS C 9 -7.69 -36.35 -2.97
C HIS C 9 -7.39 -35.40 -1.82
N GLY C 10 -6.79 -35.94 -0.77
CA GLY C 10 -6.57 -35.18 0.45
C GLY C 10 -5.62 -34.03 0.24
N GLU C 12 -4.68 -30.85 -2.32
CA GLU C 12 -4.69 -30.27 -3.66
C GLU C 12 -3.30 -30.29 -4.32
N GLU C 13 -3.24 -30.92 -5.50
CA GLU C 13 -1.97 -31.12 -6.20
C GLU C 13 -1.39 -29.79 -6.69
N VAL C 14 -2.16 -29.05 -7.50
CA VAL C 14 -1.69 -27.88 -8.22
C VAL C 14 -2.46 -26.65 -7.76
N GLU C 15 -1.77 -25.53 -7.59
CA GLU C 15 -2.40 -24.27 -7.21
C GLU C 15 -1.98 -23.18 -8.19
N THR C 16 -2.96 -22.45 -8.75
CA THR C 16 -2.74 -21.32 -9.64
C THR C 16 -2.95 -20.01 -8.88
N PHE C 17 -2.06 -19.04 -9.09
CA PHE C 17 -2.14 -17.73 -8.45
C PHE C 17 -1.86 -16.63 -9.44
N ALA C 18 -2.30 -15.43 -9.11
CA ALA C 18 -1.98 -14.25 -9.91
C ALA C 18 -0.83 -13.47 -9.28
N PHE C 19 0.09 -13.03 -10.15
CA PHE C 19 1.08 -12.06 -9.71
C PHE C 19 0.37 -10.79 -9.28
N GLN C 20 0.99 -10.12 -8.32
CA GLN C 20 0.72 -8.70 -8.13
C GLN C 20 0.84 -8.00 -9.48
N ALA C 21 -0.06 -7.04 -9.72
CA ALA C 21 -0.13 -6.33 -10.99
C ALA C 21 1.23 -5.79 -11.43
N GLU C 22 1.97 -5.19 -10.50
CA GLU C 22 3.24 -4.57 -10.85
C GLU C 22 4.20 -5.61 -11.41
N ILE C 23 4.23 -6.81 -10.82
CA ILE C 23 5.08 -7.88 -11.31
C ILE C 23 4.60 -8.35 -12.67
N ALA C 24 3.29 -8.39 -12.87
CA ALA C 24 2.77 -8.84 -14.15
C ALA C 24 3.12 -7.84 -15.26
N GLN C 25 3.05 -6.55 -14.95
CA GLN C 25 3.36 -5.55 -15.96
C GLN C 25 4.83 -5.63 -16.36
N LEU C 26 5.72 -5.79 -15.39
CA LEU C 26 7.13 -5.93 -15.72
C LEU C 26 7.39 -7.22 -16.51
N MET C 27 6.71 -8.30 -16.17
CA MET C 27 6.89 -9.51 -16.97
C MET C 27 6.45 -9.28 -18.41
N SER C 28 5.32 -8.60 -18.60
CA SER C 28 4.88 -8.30 -19.96
C SER C 28 5.88 -7.44 -20.69
N LEU C 29 6.44 -6.44 -20.00
CA LEU C 29 7.44 -5.61 -20.63
C LEU C 29 8.66 -6.42 -21.04
N ILE C 30 9.18 -7.25 -20.12
CA ILE C 30 10.42 -7.96 -20.40
C ILE C 30 10.24 -8.99 -21.51
N ILE C 31 9.12 -9.73 -21.50
CA ILE C 31 9.01 -10.83 -22.45
C ILE C 31 8.82 -10.33 -23.87
N ASN C 32 8.49 -9.04 -24.04
CA ASN C 32 8.22 -8.49 -25.38
C ASN C 32 9.23 -7.43 -25.83
N THR C 33 10.19 -7.04 -25.00
CA THR C 33 11.04 -5.93 -25.37
C THR C 33 12.04 -6.34 -26.45
N PHE C 34 12.38 -5.39 -27.32
CA PHE C 34 13.40 -5.62 -28.32
C PHE C 34 14.78 -5.18 -27.86
N TYR C 35 14.94 -4.96 -26.55
CA TYR C 35 16.23 -4.76 -25.93
C TYR C 35 17.28 -5.72 -26.46
N SER C 36 18.38 -5.15 -26.97
CA SER C 36 19.36 -5.92 -27.72
C SER C 36 20.29 -6.75 -26.82
N ASN C 37 20.55 -6.31 -25.59
CA ASN C 37 21.52 -6.97 -24.72
C ASN C 37 20.84 -7.98 -23.78
N LYS C 38 20.23 -9.00 -24.39
CA LYS C 38 19.50 -9.99 -23.61
C LYS C 38 20.40 -10.98 -22.88
N GLU C 39 21.68 -11.09 -23.28
CA GLU C 39 22.57 -12.05 -22.63
C GLU C 39 22.63 -11.84 -21.13
N ILE C 40 22.27 -10.66 -20.63
CA ILE C 40 22.39 -10.38 -19.20
C ILE C 40 21.51 -11.26 -18.35
N PHE C 41 20.52 -11.94 -18.93
CA PHE C 41 19.69 -12.84 -18.12
C PHE C 41 20.57 -13.81 -17.34
N LEU C 42 21.63 -14.29 -17.99
CA LEU C 42 22.48 -15.30 -17.36
C LEU C 42 23.27 -14.69 -16.19
N ARG C 43 23.70 -13.43 -16.30
CA ARG C 43 24.36 -12.81 -15.16
C ARG C 43 23.40 -12.76 -13.96
N GLU C 44 22.14 -12.39 -14.19
CA GLU C 44 21.21 -12.26 -13.06
C GLU C 44 20.87 -13.61 -12.44
N LEU C 45 20.73 -14.67 -13.24
CA LEU C 45 20.51 -15.99 -12.64
C LEU C 45 21.72 -16.44 -11.84
N ILE C 46 22.92 -16.30 -12.42
CA ILE C 46 24.16 -16.68 -11.75
C ILE C 46 24.36 -15.87 -10.48
N SER C 47 24.00 -14.60 -10.51
CA SER C 47 24.11 -13.78 -9.32
C SER C 47 23.18 -14.29 -8.21
N ASN C 48 21.96 -14.67 -8.57
CA ASN C 48 21.04 -15.24 -7.58
C ASN C 48 21.59 -16.54 -7.01
N ALA C 49 22.19 -17.38 -7.85
CA ALA C 49 22.75 -18.63 -7.38
C ALA C 49 23.90 -18.38 -6.41
N SER C 50 24.78 -17.44 -6.76
CA SER C 50 25.87 -17.08 -5.86
C SER C 50 25.33 -16.70 -4.50
N ASP C 51 24.26 -15.90 -4.46
CA ASP C 51 23.70 -15.45 -3.19
C ASP C 51 23.09 -16.61 -2.41
N ALA C 52 22.37 -17.51 -3.09
CA ALA C 52 21.86 -18.71 -2.44
C ALA C 52 22.99 -19.58 -1.89
N LEU C 53 24.06 -19.73 -2.68
CA LEU C 53 25.21 -20.51 -2.23
C LEU C 53 25.89 -19.85 -1.05
N ASP C 54 26.05 -18.52 -1.09
CA ASP C 54 26.62 -17.83 0.06
C ASP C 54 25.84 -18.12 1.34
N LYS C 55 24.51 -18.18 1.23
CA LYS C 55 23.71 -18.24 2.44
C LYS C 55 23.86 -19.60 3.13
N ILE C 56 23.82 -20.68 2.34
CA ILE C 56 24.03 -21.99 2.92
C ILE C 56 25.48 -22.13 3.36
N ARG C 57 26.41 -21.50 2.64
CA ARG C 57 27.82 -21.57 3.05
C ARG C 57 28.02 -20.91 4.39
N TYR C 58 27.22 -19.88 4.67
CA TYR C 58 27.36 -19.19 5.96
C TYR C 58 26.64 -19.96 7.06
N GLU C 59 25.36 -20.26 6.84
CA GLU C 59 24.60 -20.98 7.85
C GLU C 59 25.23 -22.32 8.19
N SER C 60 26.15 -22.80 7.34
CA SER C 60 26.83 -24.07 7.54
C SER C 60 27.88 -24.04 8.64
N LEU C 61 28.42 -22.88 9.00
CA LEU C 61 29.52 -22.84 9.95
C LEU C 61 29.06 -23.04 11.39
N THR C 62 27.88 -22.54 11.75
CA THR C 62 27.31 -22.86 13.05
C THR C 62 26.69 -24.26 13.07
N ASP C 63 26.16 -24.72 11.93
CA ASP C 63 25.52 -26.03 11.85
C ASP C 63 26.04 -26.75 10.61
N PRO C 64 27.04 -27.62 10.78
CA PRO C 64 27.58 -28.37 9.63
C PRO C 64 26.67 -29.49 9.12
N SER C 65 25.62 -29.88 9.84
CA SER C 65 24.73 -30.93 9.35
C SER C 65 23.85 -30.43 8.22
N LYS C 66 23.83 -29.12 7.97
CA LYS C 66 22.98 -28.59 6.92
C LYS C 66 23.47 -28.97 5.54
N LEU C 67 24.69 -29.48 5.41
CA LEU C 67 25.16 -29.94 4.12
C LEU C 67 25.10 -31.45 3.96
N ASP C 68 24.38 -32.14 4.85
CA ASP C 68 24.13 -33.57 4.65
C ASP C 68 23.16 -33.82 3.51
N SER C 69 22.64 -32.76 2.90
CA SER C 69 21.91 -32.81 1.65
C SER C 69 22.83 -32.62 0.44
N GLY C 70 24.02 -32.07 0.64
CA GLY C 70 25.06 -31.96 -0.38
C GLY C 70 26.20 -31.09 0.09
N LYS C 71 27.44 -31.53 -0.07
CA LYS C 71 28.55 -30.75 0.48
C LYS C 71 29.17 -29.79 -0.54
N GLU C 72 28.96 -30.02 -1.83
CA GLU C 72 29.57 -29.21 -2.88
C GLU C 72 28.66 -28.04 -3.21
N LEU C 73 29.23 -26.84 -3.21
CA LEU C 73 28.52 -25.61 -3.56
C LEU C 73 28.89 -25.21 -4.98
N LYS C 74 27.99 -25.44 -5.93
CA LYS C 74 28.34 -25.29 -7.34
C LYS C 74 27.15 -24.79 -8.14
N ILE C 75 27.44 -24.41 -9.38
CA ILE C 75 26.44 -24.02 -10.36
C ILE C 75 26.67 -24.84 -11.64
N ASP C 76 25.61 -25.44 -12.16
CA ASP C 76 25.65 -26.21 -13.38
C ASP C 76 24.75 -25.56 -14.42
N ILE C 77 25.22 -25.50 -15.67
CA ILE C 77 24.45 -24.91 -16.78
C ILE C 77 24.33 -25.96 -17.88
N ILE C 78 23.11 -26.31 -18.22
CA ILE C 78 22.83 -27.42 -19.12
C ILE C 78 21.98 -26.92 -20.28
N PRO C 79 22.57 -26.73 -21.46
CA PRO C 79 21.76 -26.50 -22.65
C PRO C 79 21.22 -27.82 -23.19
N ASN C 80 20.01 -27.78 -23.72
CA ASN C 80 19.35 -28.98 -24.24
C ASN C 80 18.72 -28.63 -25.58
N PRO C 81 19.46 -28.81 -26.67
CA PRO C 81 18.91 -28.42 -27.98
C PRO C 81 17.64 -29.15 -28.35
N GLN C 82 17.53 -30.44 -28.05
CA GLN C 82 16.38 -31.19 -28.53
C GLN C 82 15.10 -30.80 -27.83
N GLU C 83 15.19 -30.24 -26.63
CA GLU C 83 14.01 -29.74 -25.91
C GLU C 83 13.94 -28.23 -25.88
N ARG C 84 14.98 -27.55 -26.38
CA ARG C 84 15.02 -26.10 -26.45
C ARG C 84 14.91 -25.48 -25.05
N THR C 85 15.60 -26.11 -24.09
CA THR C 85 15.64 -25.64 -22.72
C THR C 85 17.08 -25.32 -22.33
N LEU C 86 17.23 -24.27 -21.53
CA LEU C 86 18.48 -23.97 -20.86
C LEU C 86 18.21 -24.09 -19.37
N THR C 87 19.07 -24.79 -18.67
CA THR C 87 18.86 -25.11 -17.26
C THR C 87 20.02 -24.59 -16.44
N LEU C 88 19.72 -23.94 -15.32
CA LEU C 88 20.75 -23.53 -14.39
C LEU C 88 20.43 -24.20 -13.05
N VAL C 89 21.38 -24.97 -12.52
CA VAL C 89 21.16 -25.63 -11.24
C VAL C 89 22.19 -25.10 -10.26
N ASP C 90 21.72 -24.71 -9.06
CA ASP C 90 22.65 -24.40 -7.99
C ASP C 90 22.34 -25.23 -6.76
N THR C 91 23.38 -25.51 -5.99
CA THR C 91 23.24 -26.22 -4.72
C THR C 91 23.26 -25.24 -3.56
N GLY C 92 22.65 -24.08 -3.73
CA GLY C 92 22.52 -23.10 -2.66
C GLY C 92 21.47 -23.51 -1.63
N ILE C 93 20.97 -22.54 -0.87
CA ILE C 93 20.09 -22.87 0.23
C ILE C 93 18.67 -23.27 -0.21
N GLY C 94 18.27 -23.00 -1.45
CA GLY C 94 16.92 -23.33 -1.87
C GLY C 94 15.87 -22.42 -1.25
N MET C 95 14.61 -22.77 -1.50
CA MET C 95 13.46 -21.96 -1.07
C MET C 95 12.37 -22.88 -0.54
N THR C 96 11.75 -22.50 0.58
CA THR C 96 10.57 -23.20 1.04
C THR C 96 9.37 -22.83 0.16
N LYS C 97 8.27 -23.58 0.31
CA LYS C 97 7.07 -23.32 -0.47
C LYS C 97 6.56 -21.90 -0.21
N ALA C 98 6.47 -21.51 1.07
CA ALA C 98 6.02 -20.17 1.41
C ALA C 98 6.91 -19.10 0.78
N ASP C 99 8.23 -19.24 0.89
CA ASP C 99 9.15 -18.29 0.27
C ASP C 99 8.99 -18.29 -1.24
N LEU C 100 8.78 -19.47 -1.83
CA LEU C 100 8.67 -19.57 -3.28
C LEU C 100 7.48 -18.77 -3.80
N ILE C 101 6.31 -18.97 -3.20
CA ILE C 101 5.11 -18.24 -3.59
C ILE C 101 5.27 -16.76 -3.32
N ASN C 102 5.79 -16.42 -2.15
CA ASN C 102 5.89 -15.04 -1.72
C ASN C 102 6.89 -14.26 -2.57
N ASN C 103 8.11 -14.77 -2.72
CA ASN C 103 9.16 -14.00 -3.37
C ASN C 103 8.85 -13.77 -4.84
N LEU C 104 8.37 -14.80 -5.54
CA LEU C 104 8.15 -14.67 -6.98
C LEU C 104 6.79 -14.10 -7.33
N GLY C 105 5.79 -14.27 -6.48
CA GLY C 105 4.46 -13.84 -6.85
C GLY C 105 4.04 -12.53 -6.19
N THR C 106 4.73 -12.11 -5.13
CA THR C 106 4.16 -11.07 -4.28
C THR C 106 5.14 -9.97 -3.89
N ILE C 107 6.15 -10.25 -3.05
CA ILE C 107 6.96 -9.17 -2.49
C ILE C 107 7.96 -8.58 -3.48
N ALA C 108 8.17 -9.19 -4.63
CA ALA C 108 8.92 -8.53 -5.69
C ALA C 108 8.17 -7.28 -6.17
N LYS C 109 6.98 -7.06 -5.63
CA LYS C 109 6.15 -5.92 -6.01
C LYS C 109 6.91 -4.60 -5.95
N SER C 110 7.57 -4.33 -4.82
CA SER C 110 8.26 -3.05 -4.66
C SER C 110 9.38 -2.87 -5.68
N GLY C 111 10.22 -3.89 -5.85
CA GLY C 111 11.33 -3.78 -6.77
C GLY C 111 10.88 -3.61 -8.20
N THR C 112 9.94 -4.44 -8.63
CA THR C 112 9.45 -4.33 -10.01
C THR C 112 8.83 -2.96 -10.25
N LYS C 113 8.05 -2.45 -9.29
CA LYS C 113 7.50 -1.10 -9.40
C LYS C 113 8.60 -0.05 -9.48
N ALA C 114 9.59 -0.12 -8.58
CA ALA C 114 10.63 0.90 -8.60
C ALA C 114 11.40 0.84 -9.90
N PHE C 115 11.61 -0.37 -10.41
CA PHE C 115 12.36 -0.55 -11.65
C PHE C 115 11.64 0.10 -12.82
N MET C 116 10.33 -0.13 -12.96
CA MET C 116 9.59 0.45 -14.08
C MET C 116 9.56 1.98 -14.02
N GLU C 117 9.43 2.55 -12.83
CA GLU C 117 9.60 3.99 -12.70
C GLU C 117 10.97 4.42 -13.17
N ALA C 118 11.99 3.65 -12.81
CA ALA C 118 13.34 3.97 -13.26
C ALA C 118 13.46 3.88 -14.77
N LEU C 119 12.92 2.81 -15.36
CA LEU C 119 12.97 2.64 -16.81
C LEU C 119 12.29 3.80 -17.54
N GLN C 120 11.10 4.21 -17.06
CA GLN C 120 10.38 5.31 -17.69
C GLN C 120 11.08 6.64 -17.50
N ALA C 121 12.10 6.71 -16.64
CA ALA C 121 12.91 7.88 -16.46
C ALA C 121 14.26 7.75 -17.14
N GLY C 122 14.43 6.77 -18.01
CA GLY C 122 15.64 6.66 -18.81
C GLY C 122 16.61 5.58 -18.39
N ALA C 123 16.29 4.78 -17.38
CA ALA C 123 17.14 3.68 -16.96
C ALA C 123 17.30 2.66 -18.09
N ASP C 124 18.21 1.72 -17.84
CA ASP C 124 18.53 0.65 -18.77
C ASP C 124 18.08 -0.67 -18.17
N ILE C 125 17.67 -1.61 -19.03
CA ILE C 125 17.15 -2.89 -18.55
C ILE C 125 18.22 -3.68 -17.79
N SER C 126 19.49 -3.51 -18.14
CA SER C 126 20.53 -4.26 -17.46
C SER C 126 20.71 -3.85 -16.00
N MET C 127 20.03 -2.79 -15.56
CA MET C 127 20.06 -2.39 -14.16
C MET C 127 19.11 -3.21 -13.29
N ILE C 128 18.44 -4.21 -13.87
CA ILE C 128 17.35 -4.88 -13.18
C ILE C 128 17.78 -5.45 -11.84
N GLY C 129 19.02 -5.95 -11.75
CA GLY C 129 19.46 -6.53 -10.50
C GLY C 129 19.58 -5.52 -9.37
N GLN C 130 19.79 -4.24 -9.69
CA GLN C 130 19.85 -3.24 -8.65
C GLN C 130 18.51 -3.00 -7.99
N PHE C 131 17.44 -3.62 -8.47
CA PHE C 131 16.15 -3.53 -7.81
C PHE C 131 15.72 -4.85 -7.21
N GLY C 132 16.61 -5.84 -7.18
CA GLY C 132 16.29 -7.09 -6.54
C GLY C 132 15.34 -7.99 -7.31
N VAL C 133 15.12 -7.73 -8.59
CA VAL C 133 14.16 -8.55 -9.34
C VAL C 133 14.81 -9.09 -10.60
N GLY C 134 16.11 -9.34 -10.54
CA GLY C 134 16.83 -9.86 -11.68
C GLY C 134 16.31 -11.19 -12.18
N PHE C 135 15.62 -11.95 -11.33
CA PHE C 135 15.08 -13.23 -11.80
C PHE C 135 14.20 -13.04 -13.05
N TYR C 136 13.41 -11.97 -13.10
CA TYR C 136 12.45 -11.91 -14.20
C TYR C 136 13.10 -11.59 -15.55
N SER C 137 14.38 -11.23 -15.57
CA SER C 137 15.05 -11.04 -16.85
C SER C 137 15.21 -12.35 -17.62
N ALA C 138 14.89 -13.50 -17.00
CA ALA C 138 14.81 -14.76 -17.73
C ALA C 138 13.82 -14.65 -18.90
N TYR C 139 12.77 -13.86 -18.73
CA TYR C 139 11.85 -13.78 -19.85
C TYR C 139 12.42 -13.03 -21.05
N LEU C 140 13.62 -12.43 -20.97
CA LEU C 140 14.26 -11.91 -22.18
C LEU C 140 14.49 -13.01 -23.20
N VAL C 141 14.82 -14.19 -22.74
CA VAL C 141 15.10 -15.30 -23.63
C VAL C 141 14.09 -16.43 -23.54
N ALA C 142 13.31 -16.52 -22.47
CA ALA C 142 12.45 -17.68 -22.25
C ALA C 142 11.00 -17.31 -22.47
N GLU C 143 10.25 -18.21 -23.12
CA GLU C 143 8.80 -18.08 -23.21
C GLU C 143 8.09 -18.71 -22.02
N LYS C 144 8.77 -19.60 -21.29
CA LYS C 144 8.20 -20.28 -20.14
C LYS C 144 9.35 -20.59 -19.19
N VAL C 145 9.14 -20.35 -17.91
CA VAL C 145 10.17 -20.56 -16.91
C VAL C 145 9.63 -21.51 -15.86
N VAL C 146 10.42 -22.50 -15.51
CA VAL C 146 10.09 -23.44 -14.44
C VAL C 146 11.17 -23.31 -13.39
N VAL C 147 10.75 -23.22 -12.14
CA VAL C 147 11.65 -23.12 -11.00
C VAL C 147 11.34 -24.29 -10.08
N ILE C 148 12.30 -25.20 -9.94
CA ILE C 148 12.25 -26.30 -8.99
C ILE C 148 13.18 -25.95 -7.85
N THR C 149 12.71 -26.12 -6.62
CA THR C 149 13.54 -25.72 -5.51
C THR C 149 13.36 -26.68 -4.34
N LYS C 150 14.40 -26.78 -3.52
CA LYS C 150 14.39 -27.71 -2.40
C LYS C 150 15.20 -27.11 -1.25
N HIS C 151 14.51 -26.77 -0.16
CA HIS C 151 15.10 -26.21 1.03
C HIS C 151 15.15 -27.29 2.10
N ASN C 152 16.15 -27.18 3.00
CA ASN C 152 16.35 -28.23 4.00
C ASN C 152 15.12 -28.44 4.87
N ASP C 153 14.33 -27.41 5.08
CA ASP C 153 13.21 -27.46 5.99
C ASP C 153 11.87 -27.79 5.29
N ASP C 154 11.89 -28.20 4.02
CA ASP C 154 10.64 -28.42 3.32
C ASP C 154 10.84 -29.46 2.23
N GLU C 155 9.74 -29.82 1.56
CA GLU C 155 9.77 -30.72 0.43
C GLU C 155 10.13 -29.95 -0.85
N GLN C 156 10.37 -30.71 -1.92
CA GLN C 156 10.68 -30.15 -3.22
C GLN C 156 9.41 -29.63 -3.87
N TYR C 157 9.49 -28.44 -4.48
CA TYR C 157 8.35 -27.79 -5.13
C TYR C 157 8.74 -27.33 -6.52
N ALA C 158 7.73 -27.21 -7.39
CA ALA C 158 7.89 -26.70 -8.75
C ALA C 158 6.95 -25.51 -8.96
N TRP C 159 7.50 -24.43 -9.54
CA TRP C 159 6.83 -23.19 -9.87
C TRP C 159 6.93 -23.01 -11.38
N GLU C 160 5.88 -22.47 -12.02
CA GLU C 160 5.87 -22.31 -13.47
C GLU C 160 5.13 -21.04 -13.87
N SER C 161 5.64 -20.34 -14.85
CA SER C 161 4.85 -19.26 -15.40
C SER C 161 5.23 -19.00 -16.85
N SER C 162 4.22 -18.77 -17.69
CA SER C 162 4.44 -18.31 -19.06
C SER C 162 4.14 -16.84 -19.23
N ALA C 163 4.18 -16.08 -18.14
CA ALA C 163 3.98 -14.62 -18.17
C ALA C 163 2.57 -14.24 -18.60
N GLY C 164 1.58 -15.07 -18.32
CA GLY C 164 0.21 -14.71 -18.66
C GLY C 164 -0.53 -14.03 -17.53
N GLY C 165 0.17 -13.55 -16.52
CA GLY C 165 -0.43 -13.00 -15.33
C GLY C 165 -0.52 -13.97 -14.18
N SER C 166 -0.16 -15.22 -14.37
CA SER C 166 -0.40 -16.24 -13.37
C SER C 166 0.80 -17.15 -13.29
N PHE C 167 0.87 -17.88 -12.19
CA PHE C 167 1.85 -18.93 -12.04
C PHE C 167 1.17 -20.06 -11.29
N THR C 168 1.74 -21.26 -11.41
CA THR C 168 1.25 -22.39 -10.67
C THR C 168 2.38 -22.89 -9.80
N VAL C 169 2.01 -23.48 -8.67
CA VAL C 169 2.94 -24.15 -7.77
C VAL C 169 2.40 -25.54 -7.50
N ARG C 170 3.30 -26.54 -7.47
CA ARG C 170 2.88 -27.89 -7.15
C ARG C 170 4.03 -28.64 -6.48
N ALA C 171 3.68 -29.67 -5.72
CA ALA C 171 4.70 -30.56 -5.17
C ALA C 171 5.37 -31.35 -6.28
N ASP C 172 6.71 -31.27 -6.36
CA ASP C 172 7.47 -31.96 -7.40
C ASP C 172 8.01 -33.28 -6.85
N HIS C 173 7.43 -34.39 -7.31
CA HIS C 173 7.96 -35.72 -7.01
C HIS C 173 8.93 -36.21 -8.06
N GLY C 174 9.37 -35.34 -8.97
CA GLY C 174 10.36 -35.66 -9.96
C GLY C 174 11.72 -35.95 -9.36
N GLU C 175 12.76 -35.82 -10.15
CA GLU C 175 14.09 -36.15 -9.68
C GLU C 175 14.45 -35.26 -8.49
N PRO C 176 14.78 -35.84 -7.34
CA PRO C 176 15.17 -35.02 -6.18
C PRO C 176 16.52 -34.35 -6.43
N ILE C 177 16.56 -33.03 -6.23
CA ILE C 177 17.80 -32.28 -6.40
C ILE C 177 18.58 -32.13 -5.11
N GLY C 178 18.11 -32.71 -4.01
CA GLY C 178 18.79 -32.64 -2.74
C GLY C 178 18.70 -31.30 -2.04
N ARG C 179 19.27 -30.27 -2.63
CA ARG C 179 19.16 -28.94 -2.06
C ARG C 179 19.49 -27.93 -3.15
N GLY C 180 18.81 -26.79 -3.12
CA GLY C 180 19.11 -25.75 -4.06
C GLY C 180 17.97 -25.49 -5.01
N THR C 181 18.31 -24.97 -6.19
CA THR C 181 17.30 -24.49 -7.12
C THR C 181 17.77 -24.76 -8.54
N LYS C 182 16.86 -25.24 -9.38
CA LYS C 182 17.16 -25.38 -10.80
C LYS C 182 16.11 -24.58 -11.54
N VAL C 183 16.59 -23.68 -12.39
CA VAL C 183 15.74 -22.88 -13.22
C VAL C 183 15.80 -23.45 -14.63
N ILE C 184 14.63 -23.63 -15.25
CA ILE C 184 14.55 -24.20 -16.60
C ILE C 184 13.91 -23.14 -17.48
N LEU C 185 14.67 -22.67 -18.46
CA LEU C 185 14.19 -21.69 -19.42
C LEU C 185 13.72 -22.42 -20.68
N HIS C 186 12.45 -22.26 -21.02
CA HIS C 186 11.96 -22.67 -22.32
C HIS C 186 12.18 -21.52 -23.29
N LEU C 187 13.16 -21.65 -24.16
CA LEU C 187 13.64 -20.51 -24.93
C LEU C 187 12.72 -20.19 -26.10
N LYS C 188 12.61 -18.90 -26.39
CA LYS C 188 11.89 -18.46 -27.58
C LYS C 188 12.59 -18.99 -28.81
N GLU C 189 11.84 -19.10 -29.91
CA GLU C 189 12.46 -19.67 -31.11
C GLU C 189 13.66 -18.83 -31.57
N ASP C 190 13.62 -17.52 -31.36
CA ASP C 190 14.67 -16.62 -31.84
C ASP C 190 15.87 -16.53 -30.90
N GLN C 191 15.79 -17.08 -29.70
CA GLN C 191 16.88 -16.97 -28.75
C GLN C 191 17.61 -18.29 -28.58
N THR C 192 17.56 -19.15 -29.59
CA THR C 192 18.23 -20.43 -29.46
C THR C 192 19.73 -20.32 -29.56
N GLU C 193 20.27 -19.14 -29.80
CA GLU C 193 21.73 -18.99 -29.79
C GLU C 193 22.29 -19.42 -28.43
N TYR C 194 21.50 -19.25 -27.35
CA TYR C 194 21.91 -19.61 -26.01
C TYR C 194 21.85 -21.13 -25.75
N LEU C 195 21.69 -21.94 -26.80
CA LEU C 195 21.86 -23.37 -26.69
C LEU C 195 23.23 -23.85 -27.16
N GLU C 196 24.03 -22.96 -27.76
CA GLU C 196 25.34 -23.34 -28.28
C GLU C 196 26.40 -23.18 -27.20
N GLU C 197 27.28 -24.18 -27.07
CA GLU C 197 28.30 -24.13 -26.03
C GLU C 197 29.14 -22.88 -26.17
N ARG C 198 29.54 -22.55 -27.40
CA ARG C 198 30.39 -21.39 -27.67
C ARG C 198 29.77 -20.11 -27.12
N ARG C 199 28.47 -19.91 -27.38
CA ARG C 199 27.83 -18.68 -26.97
C ARG C 199 27.73 -18.57 -25.45
N VAL C 200 27.42 -19.68 -24.77
CA VAL C 200 27.26 -19.59 -23.31
C VAL C 200 28.58 -19.33 -22.63
N LYS C 201 29.66 -19.98 -23.10
CA LYS C 201 30.98 -19.65 -22.58
C LYS C 201 31.26 -18.18 -22.79
N GLU C 202 30.90 -17.66 -23.96
CA GLU C 202 31.10 -16.24 -24.24
C GLU C 202 30.41 -15.36 -23.20
N VAL C 203 29.18 -15.73 -22.81
CA VAL C 203 28.40 -14.90 -21.89
C VAL C 203 28.95 -15.00 -20.46
N VAL C 204 29.29 -16.22 -20.01
CA VAL C 204 29.78 -16.36 -18.63
C VAL C 204 31.12 -15.64 -18.47
N LYS C 205 32.00 -15.75 -19.46
CA LYS C 205 33.29 -15.07 -19.36
C LYS C 205 33.10 -13.56 -19.31
N LYS C 206 32.04 -13.05 -19.95
CA LYS C 206 31.87 -11.60 -20.00
C LYS C 206 31.26 -11.06 -18.71
N HIS C 207 30.36 -11.81 -18.09
CA HIS C 207 29.51 -11.24 -17.04
C HIS C 207 29.73 -11.82 -15.67
N SER C 208 30.24 -13.05 -15.57
CA SER C 208 30.31 -13.71 -14.29
C SER C 208 31.73 -14.16 -14.01
N GLN C 209 32.71 -13.36 -14.44
CA GLN C 209 34.10 -13.80 -14.35
C GLN C 209 34.64 -13.82 -12.91
N PHE C 210 33.95 -13.22 -11.94
CA PHE C 210 34.47 -13.20 -10.59
C PHE C 210 33.47 -13.78 -9.61
N ILE C 211 32.71 -14.78 -10.07
CA ILE C 211 31.85 -15.54 -9.17
C ILE C 211 32.71 -16.48 -8.33
N GLY C 212 32.38 -16.59 -7.04
CA GLY C 212 33.18 -17.37 -6.13
C GLY C 212 32.82 -18.84 -6.02
N TYR C 213 32.24 -19.41 -7.08
CA TYR C 213 31.85 -20.81 -7.10
C TYR C 213 32.06 -21.37 -8.49
N PRO C 214 32.37 -22.65 -8.60
CA PRO C 214 32.63 -23.25 -9.93
C PRO C 214 31.35 -23.34 -10.76
N ILE C 215 31.50 -23.05 -12.05
CA ILE C 215 30.42 -23.14 -13.02
C ILE C 215 30.80 -24.17 -14.08
N THR C 216 29.96 -25.20 -14.23
CA THR C 216 30.23 -26.32 -15.12
C THR C 216 29.18 -26.35 -16.21
N LEU C 217 29.63 -26.34 -17.47
CA LEU C 217 28.77 -26.40 -18.62
C LEU C 217 28.64 -27.85 -19.08
N TYR C 218 27.42 -28.24 -19.48
CA TYR C 218 27.15 -29.64 -19.81
C TYR C 218 26.61 -29.79 -21.23
N LEU C 219 27.51 -30.14 -22.16
CA LEU C 219 27.11 -30.67 -23.46
C LEU C 219 28.33 -31.23 -24.18
N GLU D 12 -31.27 27.61 -13.47
CA GLU D 12 -30.33 26.76 -12.72
C GLU D 12 -28.96 26.64 -13.41
N GLU D 13 -27.95 27.32 -12.84
CA GLU D 13 -26.69 27.52 -13.53
C GLU D 13 -25.69 26.37 -13.38
N VAL D 14 -25.70 25.64 -12.27
CA VAL D 14 -24.72 24.56 -12.08
C VAL D 14 -25.44 23.29 -11.63
N GLU D 15 -25.36 22.25 -12.44
CA GLU D 15 -26.04 20.99 -12.18
C GLU D 15 -25.01 19.92 -11.83
N THR D 16 -25.32 19.10 -10.83
CA THR D 16 -24.50 17.97 -10.42
C THR D 16 -25.19 16.66 -10.76
N PHE D 17 -24.44 15.72 -11.32
CA PHE D 17 -24.98 14.39 -11.66
C PHE D 17 -24.02 13.31 -11.20
N ALA D 18 -24.55 12.11 -11.07
CA ALA D 18 -23.77 10.92 -10.77
C ALA D 18 -23.44 10.17 -12.04
N PHE D 19 -22.21 9.69 -12.15
CA PHE D 19 -21.90 8.74 -13.21
C PHE D 19 -22.71 7.47 -13.00
N GLN D 20 -23.06 6.81 -14.11
CA GLN D 20 -23.42 5.40 -14.00
C GLN D 20 -22.35 4.67 -13.20
N ALA D 21 -22.80 3.74 -12.35
CA ALA D 21 -21.89 3.06 -11.43
C ALA D 21 -20.68 2.45 -12.15
N GLU D 22 -20.91 1.81 -13.30
CA GLU D 22 -19.83 1.15 -14.01
C GLU D 22 -18.74 2.14 -14.42
N ILE D 23 -19.14 3.35 -14.82
CA ILE D 23 -18.15 4.38 -15.14
C ILE D 23 -17.40 4.80 -13.88
N ALA D 24 -18.12 4.90 -12.76
CA ALA D 24 -17.45 5.29 -11.52
C ALA D 24 -16.49 4.20 -11.09
N GLN D 25 -16.88 2.94 -11.32
CA GLN D 25 -16.02 1.82 -10.96
C GLN D 25 -14.72 1.87 -11.76
N LEU D 26 -14.81 2.13 -13.05
CA LEU D 26 -13.60 2.21 -13.85
C LEU D 26 -12.73 3.40 -13.44
N MET D 27 -13.36 4.53 -13.08
CA MET D 27 -12.59 5.68 -12.64
C MET D 27 -11.83 5.37 -11.34
N SER D 28 -12.48 4.70 -10.39
CA SER D 28 -11.76 4.26 -9.20
C SER D 28 -10.66 3.28 -9.56
N LEU D 29 -10.92 2.40 -10.51
CA LEU D 29 -9.90 1.45 -10.93
C LEU D 29 -8.71 2.19 -11.51
N ILE D 30 -8.98 3.16 -12.39
CA ILE D 30 -7.92 3.90 -13.07
C ILE D 30 -7.14 4.76 -12.08
N ILE D 31 -7.86 5.47 -11.20
CA ILE D 31 -7.17 6.43 -10.34
C ILE D 31 -6.52 5.75 -9.13
N ASN D 32 -6.94 4.52 -8.80
CA ASN D 32 -6.46 3.82 -7.59
C ASN D 32 -5.71 2.52 -7.88
N THR D 33 -5.22 2.29 -9.09
CA THR D 33 -4.43 1.09 -9.34
C THR D 33 -3.17 1.46 -10.09
N PHE D 34 -2.08 0.79 -9.73
CA PHE D 34 -0.80 1.07 -10.35
C PHE D 34 -0.86 0.75 -11.84
N TYR D 35 -0.25 1.63 -12.63
CA TYR D 35 0.04 1.31 -14.02
C TYR D 35 1.21 2.19 -14.44
N SER D 36 2.23 1.55 -15.00
CA SER D 36 3.48 2.24 -15.30
C SER D 36 3.38 3.07 -16.58
N ASN D 37 2.57 2.63 -17.53
CA ASN D 37 2.58 3.26 -18.85
C ASN D 37 1.51 4.33 -18.98
N LYS D 38 1.61 5.32 -18.11
CA LYS D 38 0.58 6.35 -18.05
C LYS D 38 0.62 7.31 -19.24
N GLU D 39 1.71 7.35 -20.02
CA GLU D 39 1.77 8.29 -21.14
C GLU D 39 0.62 8.11 -22.12
N ILE D 40 -0.02 6.94 -22.17
CA ILE D 40 -1.08 6.70 -23.13
C ILE D 40 -2.28 7.61 -22.96
N PHE D 41 -2.44 8.27 -21.81
CA PHE D 41 -3.57 9.19 -21.68
C PHE D 41 -3.54 10.20 -22.83
N LEU D 42 -2.34 10.66 -23.18
CA LEU D 42 -2.26 11.68 -24.24
C LEU D 42 -2.66 11.10 -25.58
N ARG D 43 -2.26 9.86 -25.88
CA ARG D 43 -2.71 9.23 -27.11
C ARG D 43 -4.23 9.21 -27.17
N GLU D 44 -4.88 8.94 -26.04
CA GLU D 44 -6.33 8.81 -26.01
C GLU D 44 -7.03 10.16 -26.21
N LEU D 45 -6.48 11.24 -25.65
CA LEU D 45 -7.07 12.54 -25.94
C LEU D 45 -6.87 12.93 -27.40
N ILE D 46 -5.67 12.73 -27.94
CA ILE D 46 -5.41 13.10 -29.33
C ILE D 46 -6.28 12.28 -30.27
N SER D 47 -6.50 11.01 -29.92
CA SER D 47 -7.33 10.17 -30.77
C SER D 47 -8.76 10.71 -30.82
N ASN D 48 -9.27 11.16 -29.67
CA ASN D 48 -10.59 11.77 -29.62
C ASN D 48 -10.64 13.07 -30.41
N ALA D 49 -9.60 13.88 -30.30
CA ALA D 49 -9.60 15.14 -31.03
C ALA D 49 -9.63 14.87 -32.53
N SER D 50 -8.81 13.91 -32.99
CA SER D 50 -8.77 13.52 -34.39
C SER D 50 -10.14 13.07 -34.90
N ASP D 51 -10.86 12.28 -34.12
CA ASP D 51 -12.17 11.81 -34.59
C ASP D 51 -13.15 12.96 -34.69
N ALA D 52 -13.16 13.84 -33.68
CA ALA D 52 -13.99 15.03 -33.74
C ALA D 52 -13.59 15.92 -34.91
N LEU D 53 -12.29 16.06 -35.16
CA LEU D 53 -11.86 16.83 -36.31
C LEU D 53 -12.34 16.18 -37.59
N ASP D 54 -12.25 14.85 -37.68
CA ASP D 54 -12.79 14.13 -38.84
C ASP D 54 -14.26 14.46 -39.05
N LYS D 55 -15.04 14.56 -37.96
CA LYS D 55 -16.49 14.67 -38.09
C LYS D 55 -16.92 16.03 -38.62
N ILE D 56 -16.28 17.12 -38.15
CA ILE D 56 -16.63 18.44 -38.67
C ILE D 56 -16.19 18.57 -40.11
N ARG D 57 -15.07 17.95 -40.48
CA ARG D 57 -14.61 18.06 -41.85
C ARG D 57 -15.53 17.31 -42.80
N TYR D 58 -16.05 16.15 -42.38
CA TYR D 58 -16.93 15.41 -43.26
C TYR D 58 -18.31 16.05 -43.33
N GLU D 59 -18.74 16.74 -42.27
CA GLU D 59 -19.91 17.60 -42.41
C GLU D 59 -19.57 18.88 -43.13
N SER D 60 -18.28 19.21 -43.25
CA SER D 60 -17.83 20.41 -43.92
C SER D 60 -17.92 20.32 -45.43
N LEU D 61 -17.81 19.12 -45.97
CA LEU D 61 -17.79 19.01 -47.42
C LEU D 61 -19.18 19.18 -48.00
N THR D 62 -20.21 18.78 -47.27
CA THR D 62 -21.58 19.05 -47.70
C THR D 62 -21.99 20.50 -47.42
N ASP D 63 -21.54 21.04 -46.29
CA ASP D 63 -21.94 22.38 -45.85
C ASP D 63 -20.71 23.15 -45.39
N PRO D 64 -20.16 24.01 -46.24
CA PRO D 64 -18.99 24.80 -45.83
C PRO D 64 -19.32 25.86 -44.78
N SER D 65 -20.61 26.14 -44.54
CA SER D 65 -20.94 27.11 -43.52
C SER D 65 -20.75 26.59 -42.11
N LYS D 66 -20.58 25.27 -41.94
CA LYS D 66 -20.36 24.76 -40.60
C LYS D 66 -18.98 25.11 -40.08
N LEU D 67 -18.10 25.65 -40.93
CA LEU D 67 -16.79 26.14 -40.50
C LEU D 67 -16.76 27.64 -40.29
N ASP D 68 -17.92 28.31 -40.33
CA ASP D 68 -18.05 29.69 -39.89
C ASP D 68 -17.28 29.91 -38.59
N SER D 69 -17.35 28.91 -37.73
CA SER D 69 -16.87 28.96 -36.36
C SER D 69 -15.36 28.76 -36.26
N GLY D 70 -14.70 28.30 -37.31
CA GLY D 70 -13.24 28.19 -37.32
C GLY D 70 -12.80 27.46 -38.57
N LYS D 71 -11.80 27.98 -39.25
CA LYS D 71 -11.40 27.42 -40.54
C LYS D 71 -10.28 26.39 -40.42
N GLU D 72 -9.45 26.45 -39.38
CA GLU D 72 -8.33 25.54 -39.20
C GLU D 72 -8.74 24.35 -38.34
N LEU D 73 -8.45 23.16 -38.81
CA LEU D 73 -8.72 21.95 -38.04
C LEU D 73 -7.41 21.53 -37.38
N LYS D 74 -7.30 21.76 -36.07
CA LYS D 74 -6.00 21.63 -35.43
C LYS D 74 -6.13 21.12 -34.00
N ILE D 75 -4.98 20.73 -33.44
CA ILE D 75 -4.84 20.31 -32.06
C ILE D 75 -3.73 21.11 -31.42
N ASP D 76 -4.00 21.67 -30.23
CA ASP D 76 -3.02 22.44 -29.46
C ASP D 76 -2.81 21.83 -28.08
N ILE D 77 -1.56 21.80 -27.60
CA ILE D 77 -1.23 21.24 -26.30
C ILE D 77 -0.53 22.33 -25.49
N ILE D 78 -1.09 22.67 -24.34
CA ILE D 78 -0.56 23.79 -23.59
C ILE D 78 -0.23 23.36 -22.16
N PRO D 79 1.05 23.18 -21.85
CA PRO D 79 1.45 22.99 -20.44
C PRO D 79 1.45 24.30 -19.70
N ASN D 80 1.12 24.23 -18.42
CA ASN D 80 1.10 25.41 -17.54
C ASN D 80 1.75 25.02 -16.22
N PRO D 81 3.07 25.15 -16.11
CA PRO D 81 3.75 24.72 -14.87
C PRO D 81 3.25 25.42 -13.61
N GLN D 82 2.93 26.72 -13.70
CA GLN D 82 2.58 27.47 -12.49
C GLN D 82 1.21 27.07 -11.95
N GLU D 83 0.24 26.82 -12.84
CA GLU D 83 -1.09 26.39 -12.45
C GLU D 83 -1.25 24.87 -12.54
N ARG D 84 -0.22 24.15 -12.96
CA ARG D 84 -0.18 22.69 -12.91
C ARG D 84 -1.28 22.03 -13.77
N THR D 85 -1.56 22.61 -14.95
CA THR D 85 -2.53 22.07 -15.87
C THR D 85 -1.89 21.72 -17.21
N LEU D 86 -2.38 20.65 -17.81
CA LEU D 86 -2.09 20.31 -19.21
C LEU D 86 -3.39 20.44 -19.96
N THR D 87 -3.36 21.15 -21.08
CA THR D 87 -4.57 21.47 -21.83
C THR D 87 -4.41 20.99 -23.26
N LEU D 88 -5.42 20.33 -23.77
CA LEU D 88 -5.48 19.96 -25.18
C LEU D 88 -6.71 20.63 -25.75
N VAL D 89 -6.52 21.44 -26.78
CA VAL D 89 -7.62 22.13 -27.42
C VAL D 89 -7.73 21.62 -28.84
N ASP D 90 -8.93 21.26 -29.27
CA ASP D 90 -9.10 20.90 -30.66
C ASP D 90 -10.23 21.73 -31.25
N THR D 91 -10.17 21.96 -32.55
CA THR D 91 -11.23 22.66 -33.26
C THR D 91 -12.13 21.67 -33.95
N GLY D 92 -12.39 20.53 -33.31
CA GLY D 92 -13.31 19.57 -33.86
C GLY D 92 -14.74 20.06 -33.78
N ILE D 93 -15.70 19.14 -33.91
CA ILE D 93 -17.09 19.52 -33.98
C ILE D 93 -17.68 19.91 -32.65
N GLY D 94 -17.00 19.61 -31.53
CA GLY D 94 -17.54 19.95 -30.23
C GLY D 94 -18.72 19.06 -29.88
N MET D 95 -19.37 19.41 -28.78
CA MET D 95 -20.47 18.62 -28.24
C MET D 95 -21.58 19.54 -27.75
N THR D 96 -22.82 19.16 -27.99
CA THR D 96 -23.96 19.84 -27.38
C THR D 96 -24.05 19.48 -25.90
N LYS D 97 -24.90 20.21 -25.18
CA LYS D 97 -25.04 19.94 -23.75
C LYS D 97 -25.49 18.51 -23.51
N ALA D 98 -26.52 18.07 -24.24
CA ALA D 98 -27.00 16.69 -24.10
C ALA D 98 -25.89 15.70 -24.43
N ASP D 99 -25.17 15.93 -25.54
CA ASP D 99 -24.09 15.01 -25.87
C ASP D 99 -23.07 14.97 -24.75
N LEU D 100 -22.75 16.13 -24.19
CA LEU D 100 -21.71 16.19 -23.16
C LEU D 100 -22.10 15.38 -21.93
N ILE D 101 -23.33 15.59 -21.44
CA ILE D 101 -23.82 14.84 -20.28
C ILE D 101 -23.92 13.36 -20.60
N ASN D 102 -24.50 13.02 -21.75
CA ASN D 102 -24.67 11.61 -22.12
C ASN D 102 -23.34 10.91 -22.32
N ASN D 103 -22.46 11.49 -23.13
CA ASN D 103 -21.23 10.78 -23.49
C ASN D 103 -20.36 10.58 -22.28
N LEU D 104 -20.22 11.61 -21.44
CA LEU D 104 -19.26 11.46 -20.35
C LEU D 104 -19.88 10.81 -19.12
N GLY D 105 -21.19 10.98 -18.92
CA GLY D 105 -21.81 10.51 -17.68
C GLY D 105 -22.64 9.25 -17.77
N THR D 106 -23.07 8.88 -18.97
CA THR D 106 -24.14 7.89 -19.09
C THR D 106 -23.84 6.80 -20.11
N ILE D 107 -23.78 7.14 -21.40
CA ILE D 107 -23.70 6.10 -22.42
C ILE D 107 -22.32 5.45 -22.51
N ALA D 108 -21.34 5.95 -21.76
CA ALA D 108 -20.10 5.19 -21.63
C ALA D 108 -20.27 3.88 -20.88
N LYS D 109 -21.44 3.62 -20.30
CA LYS D 109 -21.63 2.43 -19.48
C LYS D 109 -21.21 1.14 -20.20
N SER D 110 -21.67 0.93 -21.44
CA SER D 110 -21.34 -0.34 -22.11
C SER D 110 -19.84 -0.51 -22.25
N GLY D 111 -19.16 0.51 -22.76
CA GLY D 111 -17.71 0.39 -22.94
C GLY D 111 -16.99 0.24 -21.63
N THR D 112 -17.37 1.04 -20.64
CA THR D 112 -16.72 0.97 -19.36
C THR D 112 -16.90 -0.40 -18.72
N LYS D 113 -18.12 -0.95 -18.79
CA LYS D 113 -18.36 -2.27 -18.23
C LYS D 113 -17.58 -3.35 -18.97
N ALA D 114 -17.65 -3.36 -20.29
CA ALA D 114 -16.98 -4.41 -21.06
C ALA D 114 -15.48 -4.36 -20.85
N PHE D 115 -14.93 -3.16 -20.73
CA PHE D 115 -13.49 -3.02 -20.52
C PHE D 115 -13.08 -3.64 -19.20
N MET D 116 -13.83 -3.36 -18.13
CA MET D 116 -13.47 -3.95 -16.84
C MET D 116 -13.52 -5.47 -16.87
N GLU D 117 -14.54 -6.04 -17.52
CA GLU D 117 -14.54 -7.49 -17.69
C GLU D 117 -13.31 -7.95 -18.46
N ALA D 118 -12.93 -7.21 -19.50
CA ALA D 118 -11.73 -7.54 -20.25
C ALA D 118 -10.50 -7.44 -19.36
N LEU D 119 -10.42 -6.39 -18.53
CA LEU D 119 -9.30 -6.26 -17.62
C LEU D 119 -9.17 -7.45 -16.70
N GLN D 120 -10.31 -8.00 -16.25
CA GLN D 120 -10.26 -9.20 -15.41
C GLN D 120 -9.59 -10.35 -16.15
N ALA D 121 -9.90 -10.52 -17.43
CA ALA D 121 -9.40 -11.61 -18.24
C ALA D 121 -8.01 -11.35 -18.83
N GLY D 122 -7.30 -10.33 -18.34
CA GLY D 122 -5.92 -10.16 -18.71
C GLY D 122 -5.64 -9.05 -19.69
N ALA D 123 -6.65 -8.31 -20.13
CA ALA D 123 -6.35 -7.13 -20.92
C ALA D 123 -5.63 -6.11 -20.04
N ASP D 124 -4.97 -5.13 -20.68
CA ASP D 124 -4.30 -4.07 -19.95
C ASP D 124 -4.86 -2.70 -20.32
N ILE D 125 -4.49 -1.71 -19.50
CA ILE D 125 -5.04 -0.36 -19.56
C ILE D 125 -4.84 0.29 -20.94
N SER D 126 -3.77 -0.04 -21.66
CA SER D 126 -3.56 0.65 -22.93
C SER D 126 -4.59 0.25 -23.98
N MET D 127 -5.44 -0.74 -23.71
CA MET D 127 -6.50 -1.13 -24.63
C MET D 127 -7.78 -0.32 -24.45
N ILE D 128 -7.79 0.67 -23.57
CA ILE D 128 -9.03 1.35 -23.19
C ILE D 128 -9.73 1.99 -24.39
N GLY D 129 -8.98 2.50 -25.37
CA GLY D 129 -9.61 3.10 -26.54
C GLY D 129 -10.34 2.11 -27.42
N GLN D 130 -9.94 0.83 -27.40
CA GLN D 130 -10.67 -0.17 -28.17
C GLN D 130 -12.04 -0.48 -27.59
N PHE D 131 -12.36 0.08 -26.44
CA PHE D 131 -13.69 -0.01 -25.88
C PHE D 131 -14.37 1.35 -25.91
N GLY D 132 -13.75 2.31 -26.59
CA GLY D 132 -14.37 3.59 -26.81
C GLY D 132 -14.45 4.48 -25.60
N VAL D 133 -13.68 4.23 -24.55
CA VAL D 133 -13.81 5.05 -23.33
C VAL D 133 -12.43 5.55 -22.90
N GLY D 134 -11.55 5.75 -23.87
CA GLY D 134 -10.21 6.21 -23.57
C GLY D 134 -10.15 7.51 -22.80
N PHE D 135 -11.23 8.31 -22.86
CA PHE D 135 -11.22 9.59 -22.17
C PHE D 135 -10.86 9.42 -20.69
N TYR D 136 -11.35 8.35 -20.07
CA TYR D 136 -11.16 8.25 -18.62
C TYR D 136 -9.72 7.92 -18.24
N SER D 137 -8.87 7.60 -19.21
CA SER D 137 -7.45 7.40 -18.90
C SER D 137 -6.77 8.69 -18.48
N ALA D 138 -7.40 9.84 -18.72
CA ALA D 138 -6.90 11.10 -18.19
C ALA D 138 -6.67 11.01 -16.69
N TYR D 139 -7.53 10.27 -15.97
CA TYR D 139 -7.32 10.15 -14.54
C TYR D 139 -6.11 9.27 -14.18
N LEU D 140 -5.40 8.68 -15.16
CA LEU D 140 -4.10 8.12 -14.83
C LEU D 140 -3.16 9.19 -14.30
N VAL D 141 -3.25 10.39 -14.87
CA VAL D 141 -2.37 11.49 -14.51
C VAL D 141 -3.07 12.68 -13.83
N ALA D 142 -4.40 12.80 -13.96
CA ALA D 142 -5.08 14.01 -13.48
C ALA D 142 -5.92 13.75 -12.22
N GLU D 143 -5.85 14.67 -11.27
CA GLU D 143 -6.73 14.62 -10.11
C GLU D 143 -8.09 15.26 -10.36
N LYS D 144 -8.20 16.14 -11.36
CA LYS D 144 -9.45 16.78 -11.72
C LYS D 144 -9.37 17.08 -13.21
N VAL D 145 -10.46 16.84 -13.92
CA VAL D 145 -10.53 17.09 -15.35
C VAL D 145 -11.70 18.01 -15.63
N VAL D 146 -11.48 19.02 -16.47
CA VAL D 146 -12.49 19.96 -16.92
C VAL D 146 -12.60 19.88 -18.43
N VAL D 147 -13.81 19.83 -18.95
CA VAL D 147 -14.03 19.77 -20.39
C VAL D 147 -14.90 20.96 -20.81
N ILE D 148 -14.33 21.84 -21.64
CA ILE D 148 -15.04 22.95 -22.24
C ILE D 148 -15.39 22.53 -23.65
N THR D 149 -16.64 22.71 -24.06
CA THR D 149 -17.02 22.25 -25.38
C THR D 149 -17.99 23.23 -26.04
N LYS D 150 -17.97 23.29 -27.37
CA LYS D 150 -18.80 24.22 -28.12
C LYS D 150 -19.16 23.61 -29.46
N HIS D 151 -20.43 23.29 -29.64
CA HIS D 151 -20.94 22.72 -30.87
C HIS D 151 -21.70 23.81 -31.64
N ASN D 152 -21.75 23.68 -32.97
CA ASN D 152 -22.39 24.73 -33.76
C ASN D 152 -23.85 24.95 -33.40
N ASP D 153 -24.54 23.90 -32.94
CA ASP D 153 -25.97 23.98 -32.70
C ASP D 153 -26.30 24.34 -31.25
N ASP D 154 -25.32 24.72 -30.45
CA ASP D 154 -25.53 24.94 -29.02
C ASP D 154 -24.54 25.99 -28.53
N GLU D 155 -24.63 26.29 -27.23
CA GLU D 155 -23.74 27.23 -26.57
C GLU D 155 -22.57 26.48 -25.91
N GLN D 156 -21.71 27.23 -25.24
CA GLN D 156 -20.49 26.68 -24.66
C GLN D 156 -20.79 26.17 -23.26
N TYR D 157 -20.31 24.96 -22.94
CA TYR D 157 -20.61 24.34 -21.66
C TYR D 157 -19.32 23.84 -21.03
N ALA D 158 -19.31 23.77 -19.71
CA ALA D 158 -18.17 23.32 -18.94
C ALA D 158 -18.54 22.13 -18.07
N TRP D 159 -17.71 21.10 -18.11
CA TRP D 159 -17.91 19.86 -17.37
C TRP D 159 -16.70 19.66 -16.45
N GLU D 160 -16.93 19.14 -15.26
CA GLU D 160 -15.84 18.97 -14.31
C GLU D 160 -16.08 17.70 -13.50
N SER D 161 -15.00 16.98 -13.18
CA SER D 161 -15.10 15.88 -12.22
C SER D 161 -13.76 15.61 -11.55
N SER D 162 -13.80 15.37 -10.24
CA SER D 162 -12.65 14.89 -9.48
C SER D 162 -12.79 13.41 -9.13
N ALA D 163 -13.63 12.69 -9.87
CA ALA D 163 -13.81 11.25 -9.72
C ALA D 163 -14.43 10.86 -8.39
N GLY D 164 -15.30 11.69 -7.82
CA GLY D 164 -15.88 11.22 -6.58
C GLY D 164 -17.18 10.46 -6.77
N GLY D 165 -17.46 10.02 -7.99
CA GLY D 165 -18.75 9.46 -8.32
C GLY D 165 -19.70 10.42 -9.00
N SER D 166 -19.29 11.68 -9.19
CA SER D 166 -20.17 12.72 -9.71
C SER D 166 -19.38 13.68 -10.60
N PHE D 167 -20.12 14.46 -11.38
CA PHE D 167 -19.56 15.55 -12.20
C PHE D 167 -20.55 16.70 -12.19
N THR D 168 -20.08 17.88 -12.59
CA THR D 168 -20.98 19.02 -12.72
C THR D 168 -20.95 19.54 -14.14
N VAL D 169 -22.07 20.14 -14.57
CA VAL D 169 -22.13 20.80 -15.87
C VAL D 169 -22.66 22.22 -15.67
N ARG D 170 -22.06 23.15 -16.39
CA ARG D 170 -22.52 24.54 -16.33
C ARG D 170 -22.22 25.19 -17.67
N ALA D 171 -23.00 26.23 -17.98
CA ALA D 171 -22.68 27.06 -19.13
C ALA D 171 -21.38 27.81 -18.88
N ASP D 172 -20.42 27.73 -19.81
CA ASP D 172 -19.11 28.34 -19.58
C ASP D 172 -19.12 29.77 -20.11
N HIS D 173 -19.02 30.70 -19.18
CA HIS D 173 -18.84 32.11 -19.53
C HIS D 173 -17.36 32.48 -19.63
N GLY D 174 -16.45 31.50 -19.58
CA GLY D 174 -15.03 31.78 -19.76
C GLY D 174 -14.66 32.24 -21.15
N GLU D 175 -13.39 32.07 -21.52
CA GLU D 175 -12.95 32.49 -22.85
C GLU D 175 -13.74 31.71 -23.90
N PRO D 176 -14.38 32.39 -24.84
CA PRO D 176 -15.10 31.65 -25.89
C PRO D 176 -14.11 30.95 -26.82
N ILE D 177 -14.31 29.69 -26.99
CA ILE D 177 -13.60 28.95 -28.03
C ILE D 177 -14.55 28.96 -29.22
N GLY D 178 -14.02 28.83 -30.41
CA GLY D 178 -14.90 28.99 -31.55
C GLY D 178 -15.86 27.84 -31.67
N ARG D 179 -15.26 26.67 -31.79
CA ARG D 179 -15.92 25.41 -31.99
C ARG D 179 -14.92 24.37 -31.54
N GLY D 180 -15.42 23.25 -31.02
CA GLY D 180 -14.55 22.18 -30.59
C GLY D 180 -14.64 21.94 -29.09
N THR D 181 -13.55 21.42 -28.56
CA THR D 181 -13.49 20.89 -27.21
C THR D 181 -12.12 21.24 -26.66
N LYS D 182 -12.09 21.62 -25.39
CA LYS D 182 -10.84 21.89 -24.70
C LYS D 182 -10.82 21.04 -23.44
N VAL D 183 -9.81 20.21 -23.30
CA VAL D 183 -9.67 19.37 -22.12
C VAL D 183 -8.55 19.93 -21.23
N ILE D 184 -8.83 20.09 -19.94
CA ILE D 184 -7.89 20.65 -18.97
C ILE D 184 -7.62 19.61 -17.88
N LEU D 185 -6.38 19.15 -17.79
CA LEU D 185 -5.99 18.19 -16.76
C LEU D 185 -5.32 18.93 -15.62
N HIS D 186 -5.90 18.83 -14.43
CA HIS D 186 -5.21 19.21 -13.19
C HIS D 186 -4.43 17.99 -12.73
N LEU D 187 -3.10 18.04 -12.89
CA LEU D 187 -2.25 16.87 -12.73
C LEU D 187 -1.95 16.59 -11.25
N LYS D 188 -1.80 15.30 -10.94
CA LYS D 188 -1.36 14.90 -9.62
C LYS D 188 0.06 15.39 -9.37
N GLU D 189 0.44 15.47 -8.09
CA GLU D 189 1.75 16.01 -7.78
C GLU D 189 2.87 15.14 -8.38
N ASP D 190 2.65 13.82 -8.49
CA ASP D 190 3.69 12.93 -9.00
C ASP D 190 3.77 12.84 -10.52
N GLN D 191 2.85 13.46 -11.26
CA GLN D 191 2.83 13.36 -12.72
C GLN D 191 3.22 14.66 -13.40
N THR D 192 4.04 15.47 -12.76
CA THR D 192 4.40 16.76 -13.33
C THR D 192 5.38 16.66 -14.49
N GLU D 193 5.89 15.46 -14.79
CA GLU D 193 6.75 15.26 -15.96
C GLU D 193 6.02 15.68 -17.25
N TYR D 194 4.69 15.53 -17.31
CA TYR D 194 3.95 15.88 -18.50
C TYR D 194 3.66 17.38 -18.62
N LEU D 195 4.29 18.24 -17.80
CA LEU D 195 4.26 19.68 -18.00
C LEU D 195 5.50 20.22 -18.71
N GLU D 196 6.35 19.34 -19.22
CA GLU D 196 7.66 19.75 -19.71
C GLU D 196 7.74 19.57 -21.23
N GLU D 197 8.42 20.52 -21.87
CA GLU D 197 8.68 20.52 -23.31
C GLU D 197 9.06 19.14 -23.86
N ARG D 198 10.13 18.57 -23.31
CA ARG D 198 10.73 17.37 -23.88
C ARG D 198 9.79 16.18 -23.75
N ARG D 199 9.26 15.97 -22.55
CA ARG D 199 8.46 14.77 -22.31
C ARG D 199 7.22 14.77 -23.20
N VAL D 200 6.60 15.92 -23.40
CA VAL D 200 5.37 15.97 -24.21
C VAL D 200 5.66 15.69 -25.69
N LYS D 201 6.74 16.26 -26.23
CA LYS D 201 7.18 15.91 -27.57
C LYS D 201 7.48 14.42 -27.64
N GLU D 202 8.14 13.88 -26.62
CA GLU D 202 8.51 12.47 -26.60
C GLU D 202 7.28 11.58 -26.73
N VAL D 203 6.20 11.92 -26.02
CA VAL D 203 4.98 11.09 -26.00
C VAL D 203 4.23 11.20 -27.32
N VAL D 204 4.13 12.42 -27.88
CA VAL D 204 3.43 12.58 -29.14
C VAL D 204 4.12 11.82 -30.26
N LYS D 205 5.44 11.94 -30.34
CA LYS D 205 6.14 11.25 -31.40
C LYS D 205 6.02 9.73 -31.23
N LYS D 206 5.90 9.27 -29.99
CA LYS D 206 5.84 7.82 -29.79
C LYS D 206 4.47 7.26 -30.19
N HIS D 207 3.40 8.01 -29.93
CA HIS D 207 2.07 7.42 -30.00
C HIS D 207 1.19 8.01 -31.08
N SER D 208 1.44 9.25 -31.49
CA SER D 208 0.50 9.92 -32.38
C SER D 208 1.18 10.39 -33.66
N GLN D 209 2.19 9.63 -34.11
CA GLN D 209 3.04 10.09 -35.18
C GLN D 209 2.31 10.10 -36.53
N PHE D 210 1.14 9.47 -36.65
CA PHE D 210 0.45 9.44 -37.93
C PHE D 210 -0.97 9.99 -37.82
N ILE D 211 -1.16 10.95 -36.92
CA ILE D 211 -2.41 11.69 -36.86
C ILE D 211 -2.46 12.67 -38.02
N GLY D 212 -3.62 12.79 -38.66
CA GLY D 212 -3.74 13.62 -39.85
C GLY D 212 -4.07 15.09 -39.64
N TYR D 213 -3.67 15.66 -38.50
CA TYR D 213 -3.96 17.05 -38.18
C TYR D 213 -2.75 17.67 -37.48
N PRO D 214 -2.55 18.97 -37.62
CA PRO D 214 -1.38 19.61 -36.99
C PRO D 214 -1.53 19.67 -35.47
N ILE D 215 -0.43 19.34 -34.77
CA ILE D 215 -0.39 19.39 -33.31
C ILE D 215 0.69 20.39 -32.91
N THR D 216 0.29 21.40 -32.13
CA THR D 216 1.14 22.54 -31.79
C THR D 216 1.36 22.56 -30.28
N LEU D 217 2.62 22.59 -29.87
CA LEU D 217 2.95 22.71 -28.45
C LEU D 217 3.21 24.17 -28.08
N TYR D 218 2.73 24.57 -26.90
CA TYR D 218 2.81 25.96 -26.43
C TYR D 218 3.54 26.02 -25.09
N LEU D 219 4.80 26.41 -25.11
CA LEU D 219 5.48 26.74 -23.86
C LEU D 219 6.69 27.60 -24.15
C24 874 E . 9.50 20.63 26.67
C23 874 E . 10.26 21.32 27.65
C22 874 E . 10.64 22.67 27.82
C17 874 E . 10.12 19.13 28.16
C20 874 E . 11.79 22.09 29.87
C14 874 E . 8.83 18.34 26.30
C10 874 E . 6.82 19.41 22.71
N16 874 E . 9.48 19.37 27.04
C21 874 E . 11.40 23.05 28.91
C19 874 E . 11.42 20.75 29.72
C01 874 E . 3.74 18.86 23.92
C02 874 E . 4.71 20.04 23.94
C03 874 E . 4.47 20.83 25.23
C04 874 E . 6.16 19.53 23.91
C05 874 E . 6.79 19.19 25.09
C06 874 E . 8.10 18.71 25.02
C07 874 E . 8.75 18.59 23.82
O08 874 E . 10.05 18.12 23.84
C09 874 E . 8.12 18.94 22.65
O11 874 E . 6.15 19.76 21.56
C12 874 E . 8.86 18.81 21.32
O13 874 E . 7.96 19.09 20.27
O15 874 E . 8.86 17.24 26.72
C18 874 E . 10.65 20.38 28.60
S DMS F . 2.99 24.54 27.69
O DMS F . 1.73 23.80 26.64
C1 DMS F . 2.77 24.10 29.44
C2 DMS F . 4.62 23.79 27.36
C24 874 G . -3.88 -19.83 13.01
C23 874 G . -3.42 -21.15 12.77
C22 874 G . -4.07 -22.37 12.40
C17 874 G . -1.70 -19.83 13.35
C20 874 G . -1.93 -23.55 12.48
C14 874 G . -2.84 -17.72 13.68
C10 874 G . -6.67 -15.84 13.59
N16 874 G . -2.82 -19.12 13.35
C21 874 G . -3.33 -23.54 12.25
C19 874 G . -1.29 -22.37 12.85
C01 874 G . -6.35 -16.39 9.96
C02 874 G . -6.55 -15.43 11.13
C03 874 G . -5.98 -14.04 10.86
C04 874 G . -5.95 -15.98 12.41
C05 874 G . -4.69 -16.57 12.41
C06 874 G . -4.18 -17.04 13.62
C07 874 G . -4.90 -16.91 14.80
O08 874 G . -4.35 -17.38 15.99
C09 874 G . -6.16 -16.31 14.79
O11 874 G . -7.93 -15.22 13.55
C12 874 G . -6.96 -16.16 16.08
O13 874 G . -7.95 -15.17 15.92
O15 874 G . -1.85 -17.18 13.97
C18 874 G . -2.05 -21.17 12.99
S DMS H . -7.15 -18.46 6.31
O DMS H . -5.96 -19.09 7.51
C1 DMS H . -6.96 -16.68 6.04
C2 DMS H . -6.70 -19.08 4.66
C1 GOL I . -4.03 -10.17 -7.52
O1 GOL I . -5.17 -10.68 -8.16
C2 GOL I . -3.89 -8.76 -8.05
O2 GOL I . -3.92 -8.92 -9.43
C3 GOL I . -2.52 -8.20 -7.65
O3 GOL I . -2.31 -6.82 -7.92
C24 874 J . 18.17 -17.17 -3.94
C23 874 J . 18.52 -16.54 -2.72
C22 874 J . 19.07 -15.29 -2.37
C17 874 J . 17.70 -18.59 -2.34
C20 874 J . 19.03 -15.88 -0.02
C14 874 J . 17.26 -19.31 -4.62
C10 874 J . 17.26 -18.19 -8.73
N16 874 J . 17.70 -18.36 -3.64
C21 874 J . 19.32 -14.96 -1.05
C19 874 J . 18.49 -17.12 -0.36
C01 874 J . 13.88 -18.26 -8.81
C02 874 J . 14.96 -17.22 -8.51
C03 874 J . 14.44 -16.16 -7.54
C04 874 J . 16.19 -17.92 -7.95
C05 874 J . 16.20 -18.29 -6.61
C06 874 J . 17.29 -18.93 -6.08
C07 874 J . 18.38 -19.21 -6.89
O08 874 J . 19.51 -19.87 -6.38
C09 874 J . 18.36 -18.83 -8.24
O11 874 J . 17.27 -17.82 -10.08
C12 874 J . 19.55 -19.12 -9.16
O13 874 J . 19.12 -19.65 -10.39
O15 874 J . 16.85 -20.35 -4.25
C18 874 J . 18.23 -17.45 -1.71
S DMS K . 13.25 -11.98 -6.28
O DMS K . 12.30 -12.67 -7.66
C1 DMS K . 12.14 -11.76 -4.85
C2 DMS K . 14.41 -13.18 -5.58
C24 874 L . -15.25 13.60 -29.81
C23 874 L . -15.90 12.93 -30.88
C22 874 L . -15.74 11.65 -31.45
C17 874 L . -16.72 15.01 -30.62
C20 874 L . -17.51 12.17 -33.03
C14 874 L . -15.34 15.78 -28.75
C10 874 L . -12.12 14.79 -26.12
N16 874 L . -15.78 14.81 -29.72
C21 874 L . -16.56 11.26 -32.52
C19 874 L . -17.66 13.44 -32.48
C01 874 L . -14.66 12.53 -24.69
C02 874 L . -13.64 13.64 -24.50
C03 874 L . -14.07 14.66 -23.45
C04 874 L . -13.40 14.40 -25.81
C05 874 L . -14.46 14.70 -26.64
C06 874 L . -14.22 15.42 -27.79
C07 874 L . -12.95 15.81 -28.12
O08 874 L . -12.73 16.52 -29.33
C09 874 L . -11.89 15.50 -27.28
O11 874 L . -11.05 14.47 -25.28
C12 874 L . -10.45 15.88 -27.61
O13 874 L . -9.77 16.00 -26.40
O15 874 L . -15.83 16.86 -28.72
C18 874 L . -16.84 13.82 -31.39
C1 GOL M . -26.12 7.11 -11.55
O1 GOL M . -27.35 6.74 -12.10
C2 GOL M . -26.15 6.53 -10.17
O2 GOL M . -27.17 7.23 -9.50
C3 GOL M . -26.57 5.07 -10.31
O3 GOL M . -25.79 4.45 -11.31
S DMS N . -16.97 8.99 -24.14
O DMS N . -18.32 7.96 -24.73
C1 DMS N . -16.73 8.64 -22.38
C2 DMS N . -15.35 8.45 -24.76
#